data_3L2N
#
_entry.id   3L2N
#
_cell.length_a   81.417
_cell.length_b   81.417
_cell.length_c   479.685
_cell.angle_alpha   90.000
_cell.angle_beta   90.000
_cell.angle_gamma   120.000
#
_symmetry.space_group_name_H-M   'P 61 2 2'
#
loop_
_entity.id
_entity.type
_entity.pdbx_description
1 polymer 'Peptidase M14, carboxypeptidase A'
2 non-polymer 'CALCIUM ION'
3 non-polymer 'UNKNOWN LIGAND'
4 non-polymer 'ACETATE ION'
5 non-polymer GLYCEROL
6 water water
#
_entity_poly.entity_id   1
_entity_poly.type   'polypeptide(L)'
_entity_poly.pdbx_seq_one_letter_code
;(MSE)GSDKIHHHHHHENLYFQG(MSE)RISANFDGGNIETISLANPDDIQLAIRPDAGGEFYQWFNFRFEATIGKTYTL
NILNAGGASYLKGWEDYQAVASYDRQTWFRLPTEYKDGKLSISVELDCEAIQIAYFTPYSYERHLDLISAVQLHPLVSTE
HLGLTLDGRD(MSE)TLVKVGDDDPSKKSIWITARQHPGET(MSE)AEWLVEGLLNQLLDNDCPTSKALLDKANFYIVPN
(MSE)NPDGSVRGHLRTNAVGANLNREWQTPSLERSPEVYYVVNK(MSE)HETGVDLFYDVHGDEGLPYVFLAGCEGIPN
YSDKLASLQQDFVAALSLASADFQTEFGYDKDEPGKANLTVACNWVANTFKCLSNTLE(MSE)PFKDNANLADPFQGWSP
ERSVYFGEASLIA(MSE)RAVIDKIGQ
;
_entity_poly.pdbx_strand_id   A,B
#
loop_
_chem_comp.id
_chem_comp.type
_chem_comp.name
_chem_comp.formula
ACT non-polymer 'ACETATE ION' 'C2 H3 O2 -1'
CA non-polymer 'CALCIUM ION' 'Ca 2'
GOL non-polymer GLYCEROL 'C3 H8 O3'
UNL non-polymer 'UNKNOWN LIGAND' ?
#
# COMPACT_ATOMS: atom_id res chain seq x y z
N MSE A 20 10.79 -22.83 -6.19
CA MSE A 20 9.32 -22.53 -6.23
C MSE A 20 8.71 -22.06 -4.90
O MSE A 20 8.72 -22.81 -3.90
CB MSE A 20 8.56 -23.76 -6.66
CG MSE A 20 8.57 -23.98 -8.11
SE MSE A 20 7.56 -25.54 -8.57
CE MSE A 20 8.40 -26.80 -7.35
N ARG A 21 8.11 -20.88 -4.89
CA ARG A 21 7.60 -20.25 -3.66
C ARG A 21 6.19 -19.78 -3.84
N ILE A 22 5.33 -19.99 -2.84
CA ILE A 22 4.00 -19.38 -2.82
C ILE A 22 3.91 -18.55 -1.56
N SER A 23 3.29 -17.37 -1.66
CA SER A 23 3.11 -16.44 -0.53
C SER A 23 1.78 -15.67 -0.63
N ALA A 24 1.12 -15.51 0.50
CA ALA A 24 -0.04 -14.62 0.54
C ALA A 24 0.04 -13.68 1.74
N ASN A 25 1.20 -13.54 2.39
CA ASN A 25 1.23 -12.65 3.56
CA ASN A 25 1.29 -12.68 3.55
C ASN A 25 1.40 -11.21 3.13
N PHE A 26 0.26 -10.59 2.87
CA PHE A 26 0.19 -9.19 2.47
C PHE A 26 -1.28 -8.80 2.38
N ASP A 27 -1.52 -7.50 2.32
CA ASP A 27 -2.86 -6.95 2.27
C ASP A 27 -3.62 -7.67 1.16
N GLY A 28 -4.77 -8.22 1.49
CA GLY A 28 -5.63 -8.83 0.51
C GLY A 28 -5.22 -10.23 0.08
N GLY A 29 -4.15 -10.75 0.66
CA GLY A 29 -3.61 -12.06 0.27
C GLY A 29 -4.56 -13.18 0.65
N ASN A 30 -4.63 -14.19 -0.21
CA ASN A 30 -5.42 -15.37 0.04
C ASN A 30 -4.99 -16.59 -0.79
N ILE A 31 -4.27 -17.50 -0.13
CA ILE A 31 -4.04 -18.83 -0.66
C ILE A 31 -3.45 -19.68 0.44
N GLU A 32 -3.70 -20.98 0.37
CA GLU A 32 -3.02 -21.92 1.23
C GLU A 32 -2.30 -22.89 0.30
N THR A 33 -1.04 -23.20 0.62
CA THR A 33 -0.21 -24.10 -0.15
C THR A 33 -0.36 -25.51 0.33
N ILE A 34 -0.77 -26.41 -0.55
CA ILE A 34 -0.85 -27.83 -0.23
C ILE A 34 0.45 -28.51 -0.60
N SER A 35 0.95 -28.26 -1.81
CA SER A 35 2.18 -28.92 -2.28
C SER A 35 2.92 -28.15 -3.37
N LEU A 36 4.19 -27.85 -3.16
CA LEU A 36 5.05 -27.26 -4.18
C LEU A 36 6.07 -28.32 -4.68
N ALA A 37 5.71 -29.58 -4.61
CA ALA A 37 6.60 -30.67 -5.01
C ALA A 37 6.76 -30.72 -6.52
N ASN A 38 5.63 -30.74 -7.22
CA ASN A 38 5.59 -30.94 -8.66
C ASN A 38 5.27 -29.64 -9.40
N PRO A 39 6.16 -29.20 -10.30
CA PRO A 39 5.87 -27.98 -11.02
C PRO A 39 4.71 -28.12 -12.01
N ASP A 40 4.39 -29.37 -12.39
CA ASP A 40 3.26 -29.64 -13.28
C ASP A 40 1.93 -29.77 -12.52
N ASP A 41 1.99 -29.68 -11.19
CA ASP A 41 0.83 -29.85 -10.33
C ASP A 41 1.12 -29.17 -8.98
N ILE A 42 1.14 -27.84 -8.97
CA ILE A 42 1.28 -27.08 -7.73
C ILE A 42 -0.12 -27.13 -7.13
N GLN A 43 -0.21 -27.47 -5.84
CA GLN A 43 -1.49 -27.68 -5.19
C GLN A 43 -1.78 -26.63 -4.13
N LEU A 44 -2.91 -25.94 -4.30
CA LEU A 44 -3.27 -24.83 -3.45
C LEU A 44 -4.74 -24.97 -3.01
N ALA A 45 -5.14 -24.15 -2.06
CA ALA A 45 -6.53 -24.04 -1.65
C ALA A 45 -6.84 -22.61 -1.24
N ILE A 46 -8.09 -22.23 -1.43
CA ILE A 46 -8.55 -20.93 -1.06
C ILE A 46 -8.99 -20.99 0.39
N ARG A 47 -8.51 -20.06 1.20
CA ARG A 47 -8.92 -19.96 2.58
C ARG A 47 -10.36 -19.36 2.68
N PRO A 48 -11.18 -19.93 3.58
CA PRO A 48 -12.52 -19.40 3.69
C PRO A 48 -12.53 -18.12 4.43
N ASP A 49 -13.58 -17.35 4.21
CA ASP A 49 -13.84 -16.13 5.01
C ASP A 49 -13.97 -16.49 6.48
N ALA A 50 -13.59 -15.57 7.37
CA ALA A 50 -13.92 -15.69 8.78
C ALA A 50 -15.42 -16.15 8.85
N GLY A 51 -15.70 -17.20 9.61
CA GLY A 51 -17.07 -17.71 9.69
C GLY A 51 -17.18 -18.99 8.89
N GLY A 52 -16.27 -19.18 7.96
CA GLY A 52 -16.20 -20.42 7.23
C GLY A 52 -17.27 -20.64 6.19
N GLU A 53 -18.14 -19.65 5.96
CA GLU A 53 -19.26 -19.86 5.08
C GLU A 53 -18.98 -19.66 3.60
N PHE A 54 -18.06 -18.78 3.23
CA PHE A 54 -17.82 -18.41 1.83
C PHE A 54 -16.35 -18.36 1.43
N TYR A 55 -16.11 -18.44 0.13
CA TYR A 55 -14.82 -18.12 -0.47
C TYR A 55 -14.92 -18.17 -1.99
N GLN A 56 -13.98 -17.50 -2.62
CA GLN A 56 -13.83 -17.47 -4.07
C GLN A 56 -12.62 -16.60 -4.36
N TRP A 57 -12.56 -15.43 -3.75
CA TRP A 57 -11.39 -14.56 -3.84
C TRP A 57 -10.10 -15.24 -3.49
N PHE A 58 -9.12 -15.14 -4.37
CA PHE A 58 -7.72 -15.58 -4.10
C PHE A 58 -6.75 -14.48 -4.56
N ASN A 59 -5.51 -14.53 -4.11
CA ASN A 59 -4.54 -13.47 -4.36
C ASN A 59 -3.26 -13.96 -3.75
N PHE A 60 -2.27 -14.20 -4.57
CA PHE A 60 -1.02 -14.66 -4.03
C PHE A 60 0.14 -14.36 -4.95
N ARG A 61 1.33 -14.51 -4.41
CA ARG A 61 2.54 -14.33 -5.21
C ARG A 61 3.24 -15.67 -5.34
N PHE A 62 3.79 -15.88 -6.53
CA PHE A 62 4.45 -17.09 -6.96
C PHE A 62 5.81 -16.71 -7.57
N GLU A 63 6.87 -17.33 -7.06
CA GLU A 63 8.20 -17.14 -7.57
C GLU A 63 8.73 -18.50 -7.98
N ALA A 64 9.33 -18.55 -9.16
CA ALA A 64 9.95 -19.77 -9.65
C ALA A 64 10.98 -19.38 -10.72
N THR A 65 11.28 -20.32 -11.61
CA THR A 65 12.31 -20.17 -12.62
C THR A 65 11.67 -19.78 -13.91
N ILE A 66 12.20 -18.74 -14.56
CA ILE A 66 11.61 -18.23 -15.80
C ILE A 66 11.89 -19.21 -16.92
N GLY A 67 11.10 -19.17 -17.99
CA GLY A 67 11.27 -20.09 -19.11
C GLY A 67 10.54 -21.43 -18.99
N LYS A 68 10.01 -21.75 -17.81
CA LYS A 68 9.29 -23.00 -17.63
C LYS A 68 7.79 -22.69 -17.47
N THR A 69 6.94 -23.65 -17.77
CA THR A 69 5.49 -23.48 -17.60
C THR A 69 5.00 -24.32 -16.45
N TYR A 70 4.42 -23.64 -15.46
CA TYR A 70 3.94 -24.26 -14.23
C TYR A 70 2.44 -24.36 -14.25
N THR A 71 1.91 -25.41 -13.66
CA THR A 71 0.44 -25.53 -13.48
C THR A 71 0.10 -25.46 -12.01
N LEU A 72 -0.81 -24.53 -11.71
CA LEU A 72 -1.24 -24.25 -10.37
C LEU A 72 -2.70 -24.67 -10.25
N ASN A 73 -2.98 -25.57 -9.30
CA ASN A 73 -4.31 -26.15 -9.13
C ASN A 73 -4.89 -25.84 -7.80
N ILE A 74 -5.98 -25.08 -7.80
CA ILE A 74 -6.68 -24.73 -6.58
C ILE A 74 -7.67 -25.90 -6.41
N LEU A 75 -7.31 -26.80 -5.49
CA LEU A 75 -8.01 -28.06 -5.31
C LEU A 75 -9.38 -27.94 -4.69
N ASN A 76 -9.69 -26.83 -4.02
CA ASN A 76 -10.97 -26.66 -3.33
C ASN A 76 -11.87 -25.67 -4.05
N ALA A 77 -11.62 -25.48 -5.35
CA ALA A 77 -12.41 -24.54 -6.15
C ALA A 77 -13.86 -25.03 -6.18
N GLY A 78 -14.04 -26.36 -6.18
CA GLY A 78 -15.36 -26.94 -6.23
C GLY A 78 -16.24 -26.65 -5.04
N GLY A 79 -15.63 -26.10 -3.99
CA GLY A 79 -16.36 -25.69 -2.79
C GLY A 79 -16.50 -24.21 -2.70
N ALA A 80 -16.06 -23.47 -3.72
CA ALA A 80 -16.24 -22.03 -3.71
C ALA A 80 -17.73 -21.67 -3.74
N SER A 81 -18.04 -20.45 -3.33
CA SER A 81 -19.41 -19.94 -3.23
C SER A 81 -20.19 -19.89 -4.54
N TYR A 82 -19.55 -19.52 -5.65
CA TYR A 82 -20.21 -19.45 -6.96
C TYR A 82 -19.46 -20.28 -8.00
N LEU A 83 -19.95 -21.49 -8.21
CA LEU A 83 -19.29 -22.41 -9.13
C LEU A 83 -19.38 -21.97 -10.60
N LYS A 84 -20.49 -21.32 -11.02
CA LYS A 84 -20.59 -20.76 -12.38
C LYS A 84 -19.48 -19.78 -12.59
N GLY A 85 -19.07 -19.10 -11.51
CA GLY A 85 -17.96 -18.19 -11.56
C GLY A 85 -16.69 -18.78 -12.16
N TRP A 86 -16.54 -20.11 -12.07
CA TRP A 86 -15.38 -20.81 -12.62
C TRP A 86 -15.47 -21.13 -14.09
N GLU A 87 -16.67 -21.22 -14.64
CA GLU A 87 -16.79 -21.62 -16.04
C GLU A 87 -16.47 -20.45 -16.96
N ASP A 88 -15.55 -20.70 -17.90
CA ASP A 88 -14.98 -19.68 -18.76
C ASP A 88 -14.19 -18.61 -18.01
N TYR A 89 -13.87 -18.83 -16.74
CA TYR A 89 -13.11 -17.82 -16.03
C TYR A 89 -11.59 -17.92 -16.32
N GLN A 90 -10.94 -16.79 -16.39
CA GLN A 90 -9.50 -16.78 -16.50
C GLN A 90 -8.90 -15.89 -15.43
N ALA A 91 -7.89 -16.44 -14.74
CA ALA A 91 -7.25 -15.76 -13.66
C ALA A 91 -6.50 -14.49 -14.10
N VAL A 92 -6.40 -13.57 -13.18
CA VAL A 92 -5.75 -12.29 -13.40
C VAL A 92 -4.34 -12.37 -12.79
N ALA A 93 -3.38 -11.68 -13.42
CA ALA A 93 -1.98 -11.75 -13.00
C ALA A 93 -1.22 -10.49 -13.39
N SER A 94 -0.04 -10.31 -12.76
CA SER A 94 0.81 -9.21 -13.06
C SER A 94 2.21 -9.48 -12.56
N TYR A 95 3.18 -9.13 -13.39
CA TYR A 95 4.58 -9.15 -12.99
C TYR A 95 5.01 -7.83 -12.33
N ASP A 96 4.37 -6.72 -12.70
CA ASP A 96 4.77 -5.38 -12.23
C ASP A 96 3.81 -4.72 -11.26
N ARG A 97 2.61 -5.31 -11.07
CA ARG A 97 1.56 -4.84 -10.16
C ARG A 97 0.92 -3.55 -10.64
N GLN A 98 1.06 -3.30 -11.94
CA GLN A 98 0.48 -2.13 -12.60
C GLN A 98 -0.44 -2.63 -13.73
N THR A 99 0.09 -3.47 -14.62
CA THR A 99 -0.71 -4.09 -15.66
C THR A 99 -1.08 -5.49 -15.26
N TRP A 100 -2.37 -5.78 -15.30
CA TRP A 100 -2.93 -7.04 -14.91
C TRP A 100 -3.56 -7.69 -16.13
N PHE A 101 -3.29 -8.97 -16.35
CA PHE A 101 -3.77 -9.65 -17.53
C PHE A 101 -4.28 -11.02 -17.19
N ARG A 102 -4.91 -11.66 -18.16
CA ARG A 102 -5.48 -12.97 -17.92
C ARG A 102 -4.50 -14.07 -18.24
N LEU A 103 -4.54 -15.14 -17.45
CA LEU A 103 -3.71 -16.32 -17.65
C LEU A 103 -4.62 -17.43 -18.16
N PRO A 104 -4.07 -18.37 -18.93
CA PRO A 104 -4.84 -19.57 -19.37
C PRO A 104 -5.33 -20.39 -18.17
N THR A 105 -6.63 -20.57 -18.07
CA THR A 105 -7.22 -21.20 -16.91
C THR A 105 -8.31 -22.20 -17.33
N GLU A 106 -8.42 -23.31 -16.64
CA GLU A 106 -9.55 -24.20 -16.86
C GLU A 106 -10.01 -24.75 -15.54
N TYR A 107 -11.26 -25.18 -15.57
CA TYR A 107 -11.90 -25.72 -14.41
C TYR A 107 -12.53 -27.09 -14.75
N LYS A 108 -12.08 -28.14 -14.10
CA LYS A 108 -12.58 -29.51 -14.31
C LYS A 108 -12.45 -30.25 -12.97
N ASP A 109 -13.36 -31.20 -12.75
CA ASP A 109 -13.30 -32.06 -11.57
C ASP A 109 -13.08 -31.29 -10.27
N GLY A 110 -13.74 -30.15 -10.11
CA GLY A 110 -13.61 -29.33 -8.90
C GLY A 110 -12.34 -28.53 -8.72
N LYS A 111 -11.36 -28.70 -9.62
CA LYS A 111 -10.06 -27.99 -9.55
C LYS A 111 -10.01 -26.82 -10.56
N LEU A 112 -9.45 -25.69 -10.15
CA LEU A 112 -9.20 -24.59 -11.09
C LEU A 112 -7.72 -24.67 -11.41
N SER A 113 -7.41 -24.79 -12.70
CA SER A 113 -6.05 -24.98 -13.19
C SER A 113 -5.49 -23.78 -13.93
N ILE A 114 -4.46 -23.16 -13.33
CA ILE A 114 -3.87 -21.98 -13.93
C ILE A 114 -2.51 -22.33 -14.53
N SER A 115 -2.33 -22.02 -15.83
CA SER A 115 -1.03 -22.15 -16.50
C SER A 115 -0.29 -20.86 -16.43
N VAL A 116 0.99 -20.95 -16.09
CA VAL A 116 1.87 -19.81 -15.96
C VAL A 116 3.19 -20.11 -16.62
N GLU A 117 3.46 -19.52 -17.78
CA GLU A 117 4.82 -19.57 -18.29
C GLU A 117 5.55 -18.31 -17.83
N LEU A 118 6.39 -18.45 -16.80
CA LEU A 118 7.03 -17.32 -16.14
C LEU A 118 8.06 -16.59 -16.99
N ASP A 119 7.75 -15.35 -17.35
CA ASP A 119 8.68 -14.50 -18.05
C ASP A 119 9.55 -13.79 -17.06
N CYS A 120 8.98 -13.43 -15.90
CA CYS A 120 9.75 -12.95 -14.76
C CYS A 120 9.66 -13.91 -13.62
N GLU A 121 10.63 -13.80 -12.70
CA GLU A 121 10.75 -14.68 -11.53
C GLU A 121 9.55 -14.61 -10.62
N ALA A 122 9.04 -13.40 -10.39
CA ALA A 122 7.91 -13.19 -9.49
C ALA A 122 6.63 -12.77 -10.29
N ILE A 123 5.49 -13.36 -9.95
CA ILE A 123 4.20 -12.99 -10.56
C ILE A 123 3.16 -13.01 -9.45
N GLN A 124 2.17 -12.13 -9.54
CA GLN A 124 1.09 -12.11 -8.57
C GLN A 124 -0.18 -12.55 -9.32
N ILE A 125 -0.92 -13.51 -8.74
CA ILE A 125 -2.10 -14.09 -9.37
C ILE A 125 -3.33 -13.87 -8.45
N ALA A 126 -4.41 -13.33 -9.00
CA ALA A 126 -5.59 -13.02 -8.19
C ALA A 126 -6.89 -13.22 -8.93
N TYR A 127 -7.99 -13.25 -8.18
CA TYR A 127 -9.33 -13.44 -8.75
C TYR A 127 -9.72 -12.19 -9.54
N PHE A 128 -9.30 -11.00 -9.07
CA PHE A 128 -9.46 -9.75 -9.83
C PHE A 128 -8.34 -8.82 -9.38
N THR A 129 -8.09 -7.73 -10.10
CA THR A 129 -7.03 -6.81 -9.70
C THR A 129 -7.27 -6.31 -8.26
N PRO A 130 -6.32 -6.59 -7.33
CA PRO A 130 -6.42 -6.16 -5.94
C PRO A 130 -6.52 -4.65 -5.76
N TYR A 131 -7.05 -4.23 -4.63
CA TYR A 131 -7.11 -2.79 -4.28
C TYR A 131 -6.84 -2.72 -2.79
N SER A 132 -5.60 -2.36 -2.45
CA SER A 132 -5.09 -2.47 -1.10
C SER A 132 -5.58 -1.30 -0.28
N TYR A 133 -5.46 -1.44 1.04
CA TYR A 133 -5.90 -0.41 1.97
C TYR A 133 -4.98 0.83 1.88
N GLU A 134 -3.72 0.60 1.54
CA GLU A 134 -2.78 1.69 1.31
C GLU A 134 -3.24 2.52 0.12
N ARG A 135 -3.78 1.84 -0.87
CA ARG A 135 -4.31 2.54 -2.03
C ARG A 135 -5.60 3.27 -1.64
N HIS A 136 -6.40 2.59 -0.82
CA HIS A 136 -7.60 3.20 -0.33
C HIS A 136 -7.21 4.51 0.39
N LEU A 137 -6.19 4.45 1.23
CA LEU A 137 -5.76 5.63 1.99
C LEU A 137 -5.24 6.73 1.08
N ASP A 138 -4.54 6.34 0.05
CA ASP A 138 -4.10 7.34 -0.90
C ASP A 138 -5.30 8.06 -1.56
N LEU A 139 -6.34 7.28 -1.90
CA LEU A 139 -7.48 7.82 -2.63
C LEU A 139 -8.23 8.83 -1.75
N ILE A 140 -8.61 8.41 -0.57
CA ILE A 140 -9.39 9.24 0.30
C ILE A 140 -8.59 10.41 0.83
N SER A 141 -7.25 10.30 0.80
CA SER A 141 -6.42 11.45 1.20
C SER A 141 -6.27 12.46 0.08
N ALA A 142 -5.89 11.99 -1.10
CA ALA A 142 -5.73 12.85 -2.28
C ALA A 142 -6.96 13.66 -2.57
N VAL A 143 -8.14 13.06 -2.53
CA VAL A 143 -9.33 13.82 -2.93
C VAL A 143 -9.62 15.05 -2.05
N GLN A 144 -9.07 15.05 -0.84
CA GLN A 144 -9.20 16.14 0.13
C GLN A 144 -8.74 17.47 -0.41
N LEU A 145 -7.74 17.43 -1.28
CA LEU A 145 -7.21 18.69 -1.81
C LEU A 145 -8.25 19.47 -2.67
N HIS A 146 -9.25 18.81 -3.19
CA HIS A 146 -10.23 19.48 -4.00
C HIS A 146 -11.14 20.34 -3.12
N PRO A 147 -11.44 21.55 -3.57
CA PRO A 147 -12.17 22.52 -2.74
C PRO A 147 -13.62 22.17 -2.48
N LEU A 148 -14.16 21.21 -3.22
CA LEU A 148 -15.54 20.75 -3.00
C LEU A 148 -15.57 19.40 -2.33
N VAL A 149 -14.41 18.86 -1.96
CA VAL A 149 -14.35 17.59 -1.26
C VAL A 149 -14.05 17.74 0.23
N SER A 150 -14.84 17.07 1.07
CA SER A 150 -14.57 16.86 2.52
C SER A 150 -14.68 15.38 2.85
N THR A 151 -13.76 14.87 3.63
CA THR A 151 -13.89 13.51 4.08
C THR A 151 -14.45 13.58 5.49
N GLU A 152 -15.20 12.55 5.86
CA GLU A 152 -15.80 12.46 7.15
C GLU A 152 -15.57 11.08 7.68
N HIS A 153 -15.01 11.03 8.88
CA HIS A 153 -14.78 9.79 9.59
C HIS A 153 -16.13 9.29 10.17
N LEU A 154 -16.71 8.26 9.59
CA LEU A 154 -17.97 7.69 10.10
C LEU A 154 -17.77 6.87 11.39
N GLY A 155 -16.61 6.26 11.56
CA GLY A 155 -16.31 5.44 12.72
C GLY A 155 -15.32 4.33 12.35
N LEU A 156 -15.12 3.41 13.29
CA LEU A 156 -14.18 2.31 13.09
C LEU A 156 -14.79 1.03 12.60
N THR A 157 -13.99 0.26 11.88
CA THR A 157 -14.36 -1.08 11.54
C THR A 157 -14.10 -1.95 12.79
N LEU A 158 -14.55 -3.23 12.74
CA LEU A 158 -14.31 -4.18 13.84
C LEU A 158 -12.83 -4.32 14.13
N ASP A 159 -11.98 -4.43 13.11
CA ASP A 159 -10.52 -4.52 13.33
C ASP A 159 -9.92 -3.18 13.66
N GLY A 160 -10.71 -2.13 13.67
CA GLY A 160 -10.18 -0.80 14.03
C GLY A 160 -9.68 0.09 12.90
N ARG A 161 -10.11 -0.17 11.68
CA ARG A 161 -9.76 0.67 10.55
C ARG A 161 -10.86 1.69 10.34
N ASP A 162 -10.68 2.57 9.36
CA ASP A 162 -11.63 3.68 9.18
C ASP A 162 -12.72 3.39 8.13
N MSE A 163 -13.91 3.87 8.46
CA MSE A 163 -15.00 3.97 7.55
C MSE A 163 -15.01 5.46 7.24
O MSE A 163 -15.23 6.30 8.16
CB MSE A 163 -16.31 3.57 8.22
CG MSE A 163 -16.44 2.10 8.48
SE MSE A 163 -16.35 1.07 6.88
CE MSE A 163 -17.91 1.72 5.95
N THR A 164 -14.67 5.78 5.98
CA THR A 164 -14.53 7.16 5.54
C THR A 164 -15.58 7.48 4.47
N LEU A 165 -16.32 8.57 4.72
CA LEU A 165 -17.28 9.06 3.77
C LEU A 165 -16.62 10.21 3.04
N VAL A 166 -16.67 10.19 1.72
CA VAL A 166 -16.15 11.26 0.87
C VAL A 166 -17.34 12.13 0.43
N LYS A 167 -17.35 13.39 0.87
CA LYS A 167 -18.44 14.32 0.55
C LYS A 167 -18.02 15.29 -0.54
N VAL A 168 -18.73 15.27 -1.66
CA VAL A 168 -18.42 16.11 -2.79
C VAL A 168 -19.58 17.05 -3.01
N GLY A 169 -19.26 18.34 -2.96
CA GLY A 169 -20.27 19.38 -3.15
C GLY A 169 -20.03 20.55 -2.22
N ASP A 170 -20.92 21.51 -2.24
CA ASP A 170 -20.83 22.70 -1.36
C ASP A 170 -21.64 22.52 -0.08
N ASP A 171 -22.17 21.32 0.11
CA ASP A 171 -22.84 21.01 1.35
C ASP A 171 -24.11 21.83 1.55
N ASP A 172 -24.67 22.28 0.43
CA ASP A 172 -25.86 23.09 0.44
C ASP A 172 -26.98 22.12 0.76
N PRO A 173 -27.64 22.29 1.91
CA PRO A 173 -28.68 21.34 2.33
C PRO A 173 -29.94 21.36 1.44
N SER A 174 -30.13 22.43 0.67
CA SER A 174 -31.21 22.46 -0.32
C SER A 174 -31.01 21.45 -1.48
N LYS A 175 -29.78 20.96 -1.70
CA LYS A 175 -29.51 20.14 -2.90
C LYS A 175 -29.96 18.72 -2.76
N LYS A 176 -29.91 17.98 -3.86
CA LYS A 176 -30.28 16.58 -3.88
C LYS A 176 -29.15 15.75 -3.30
N SER A 177 -29.49 14.59 -2.74
CA SER A 177 -28.49 13.71 -2.11
C SER A 177 -28.27 12.46 -2.91
N ILE A 178 -27.03 12.28 -3.36
CA ILE A 178 -26.67 11.09 -4.13
C ILE A 178 -25.71 10.28 -3.31
N TRP A 179 -26.06 9.02 -3.05
CA TRP A 179 -25.22 8.11 -2.26
C TRP A 179 -24.65 6.99 -3.14
N ILE A 180 -23.34 6.79 -3.07
CA ILE A 180 -22.66 5.75 -3.85
C ILE A 180 -21.81 4.96 -2.88
N THR A 181 -22.07 3.66 -2.82
CA THR A 181 -21.39 2.74 -1.95
C THR A 181 -20.79 1.59 -2.75
N ALA A 182 -19.56 1.24 -2.42
CA ALA A 182 -18.85 0.19 -3.13
C ALA A 182 -18.15 -0.76 -2.17
N ARG A 183 -18.03 -1.99 -2.64
CA ARG A 183 -17.21 -2.98 -1.99
C ARG A 183 -17.73 -3.47 -0.61
N GLN A 184 -19.05 -3.66 -0.49
CA GLN A 184 -19.61 -4.33 0.70
C GLN A 184 -19.01 -5.75 0.78
N HIS A 185 -18.92 -6.41 -0.38
CA HIS A 185 -18.22 -7.69 -0.51
C HIS A 185 -16.76 -7.40 -0.90
N PRO A 186 -15.82 -7.65 0.03
CA PRO A 186 -14.46 -7.17 -0.16
C PRO A 186 -13.76 -7.62 -1.43
N GLY A 187 -14.04 -8.84 -1.87
CA GLY A 187 -13.34 -9.42 -3.00
C GLY A 187 -13.74 -8.79 -4.33
N GLU A 188 -14.78 -7.95 -4.28
CA GLU A 188 -15.30 -7.33 -5.48
C GLU A 188 -14.62 -6.01 -5.69
N THR A 189 -13.32 -6.10 -5.93
CA THR A 189 -12.44 -4.93 -5.99
C THR A 189 -12.77 -3.98 -7.14
N MSE A 190 -13.37 -4.54 -8.19
CA MSE A 190 -13.75 -3.71 -9.31
C MSE A 190 -14.62 -2.56 -8.85
O MSE A 190 -14.69 -1.53 -9.50
CB MSE A 190 -14.53 -4.54 -10.37
CG MSE A 190 -15.81 -5.20 -9.90
SE MSE A 190 -15.52 -6.88 -9.05
CE MSE A 190 -15.02 -7.94 -10.64
N ALA A 191 -15.33 -2.73 -7.76
CA ALA A 191 -16.26 -1.70 -7.28
C ALA A 191 -15.47 -0.48 -6.82
N GLU A 192 -14.36 -0.72 -6.13
CA GLU A 192 -13.57 0.42 -5.66
C GLU A 192 -12.78 0.99 -6.85
N TRP A 193 -12.34 0.15 -7.78
CA TRP A 193 -11.77 0.73 -9.00
C TRP A 193 -12.80 1.69 -9.68
N LEU A 194 -14.07 1.28 -9.77
CA LEU A 194 -15.06 2.16 -10.38
C LEU A 194 -15.22 3.48 -9.62
N VAL A 195 -15.20 3.42 -8.30
CA VAL A 195 -15.38 4.64 -7.53
C VAL A 195 -14.17 5.56 -7.73
N GLU A 196 -13.00 4.96 -7.81
CA GLU A 196 -11.80 5.74 -8.10
C GLU A 196 -11.99 6.55 -9.40
N GLY A 197 -12.49 5.86 -10.42
CA GLY A 197 -12.68 6.51 -11.73
C GLY A 197 -13.79 7.54 -11.68
N LEU A 198 -14.82 7.26 -10.86
CA LEU A 198 -15.97 8.14 -10.75
C LEU A 198 -15.50 9.40 -10.05
N LEU A 199 -14.69 9.27 -9.01
CA LEU A 199 -14.21 10.45 -8.26
C LEU A 199 -13.31 11.31 -9.12
N ASN A 200 -12.42 10.66 -9.87
CA ASN A 200 -11.51 11.45 -10.71
C ASN A 200 -12.24 12.36 -11.67
N GLN A 201 -13.25 11.81 -12.32
CA GLN A 201 -14.04 12.56 -13.28
C GLN A 201 -14.91 13.57 -12.58
N LEU A 202 -15.52 13.17 -11.46
CA LEU A 202 -16.44 14.07 -10.74
C LEU A 202 -15.64 15.28 -10.26
N LEU A 203 -14.38 15.07 -9.87
CA LEU A 203 -13.54 16.18 -9.40
C LEU A 203 -12.90 17.00 -10.50
N ASP A 204 -13.14 16.69 -11.76
CA ASP A 204 -12.63 17.53 -12.85
C ASP A 204 -13.72 18.54 -13.25
N ASN A 205 -13.54 19.81 -12.90
CA ASN A 205 -14.52 20.86 -13.21
C ASN A 205 -14.71 21.20 -14.71
N ASP A 206 -13.71 20.86 -15.53
CA ASP A 206 -13.82 21.01 -16.99
C ASP A 206 -14.82 20.02 -17.57
N CYS A 207 -15.18 18.99 -16.81
CA CYS A 207 -16.18 18.08 -17.29
C CYS A 207 -17.58 18.65 -17.00
N PRO A 208 -18.39 18.92 -18.04
CA PRO A 208 -19.70 19.56 -17.79
C PRO A 208 -20.72 18.72 -17.00
N THR A 209 -20.74 17.41 -17.19
CA THR A 209 -21.63 16.56 -16.41
C THR A 209 -21.29 16.71 -14.92
N SER A 210 -20.01 16.65 -14.60
CA SER A 210 -19.54 16.93 -13.25
C SER A 210 -20.05 18.27 -12.73
N LYS A 211 -19.90 19.32 -13.52
CA LYS A 211 -20.30 20.65 -13.07
C LYS A 211 -21.81 20.71 -12.89
N ALA A 212 -22.51 20.04 -13.80
CA ALA A 212 -23.96 20.08 -13.82
C ALA A 212 -24.49 19.33 -12.61
N LEU A 213 -23.87 18.21 -12.27
CA LEU A 213 -24.27 17.43 -11.09
C LEU A 213 -24.06 18.21 -9.77
N LEU A 214 -22.87 18.77 -9.60
CA LEU A 214 -22.54 19.46 -8.34
C LEU A 214 -23.37 20.73 -8.14
N ASP A 215 -23.92 21.30 -9.23
CA ASP A 215 -24.85 22.43 -9.10
C ASP A 215 -26.19 22.02 -8.50
N LYS A 216 -26.50 20.73 -8.60
CA LYS A 216 -27.75 20.21 -8.13
C LYS A 216 -27.71 19.18 -7.04
N ALA A 217 -26.55 18.65 -6.71
CA ALA A 217 -26.50 17.54 -5.77
C ALA A 217 -25.26 17.56 -4.94
N ASN A 218 -25.38 17.00 -3.75
CA ASN A 218 -24.23 16.69 -2.94
C ASN A 218 -24.04 15.17 -3.06
N PHE A 219 -22.77 14.75 -3.09
CA PHE A 219 -22.46 13.32 -3.21
C PHE A 219 -21.93 12.76 -1.92
N TYR A 220 -22.40 11.58 -1.56
CA TYR A 220 -21.88 10.90 -0.38
C TYR A 220 -21.39 9.55 -0.85
N ILE A 221 -20.06 9.42 -0.90
CA ILE A 221 -19.42 8.27 -1.52
C ILE A 221 -18.55 7.52 -0.51
N VAL A 222 -18.70 6.19 -0.48
CA VAL A 222 -17.91 5.33 0.39
C VAL A 222 -17.14 4.38 -0.54
N PRO A 223 -15.86 4.68 -0.82
CA PRO A 223 -15.09 3.87 -1.75
C PRO A 223 -14.84 2.48 -1.24
N ASN A 224 -14.83 2.31 0.08
CA ASN A 224 -14.70 0.98 0.64
C ASN A 224 -15.56 0.71 1.87
N MSE A 225 -16.63 -0.07 1.64
CA MSE A 225 -17.59 -0.43 2.71
C MSE A 225 -17.08 -1.46 3.68
O MSE A 225 -17.61 -1.58 4.77
CB MSE A 225 -18.91 -0.94 2.11
CG MSE A 225 -19.82 0.17 1.57
SE MSE A 225 -20.60 1.31 2.96
CE MSE A 225 -21.51 -0.05 4.00
N ASN A 226 -16.01 -2.17 3.32
CA ASN A 226 -15.54 -3.32 4.10
C ASN A 226 -13.99 -3.40 4.11
N PRO A 227 -13.36 -2.44 4.77
CA PRO A 227 -11.93 -2.47 4.80
C PRO A 227 -11.34 -3.75 5.46
N ASP A 228 -11.99 -4.26 6.51
CA ASP A 228 -11.47 -5.45 7.23
C ASP A 228 -11.49 -6.69 6.33
N GLY A 229 -12.64 -6.92 5.68
CA GLY A 229 -12.76 -8.04 4.73
C GLY A 229 -11.74 -7.90 3.63
N SER A 230 -11.46 -6.66 3.24
CA SER A 230 -10.52 -6.35 2.22
C SER A 230 -9.12 -6.76 2.64
N VAL A 231 -8.62 -6.21 3.74
CA VAL A 231 -7.27 -6.58 4.16
C VAL A 231 -7.15 -8.11 4.37
N ARG A 232 -8.22 -8.73 4.88
CA ARG A 232 -8.18 -10.14 5.21
C ARG A 232 -8.30 -11.06 4.02
N GLY A 233 -8.52 -10.56 2.82
CA GLY A 233 -8.64 -11.47 1.69
C GLY A 233 -9.95 -12.24 1.66
N HIS A 234 -11.00 -11.65 2.18
CA HIS A 234 -12.28 -12.31 2.18
C HIS A 234 -12.95 -12.06 0.82
N LEU A 235 -13.85 -12.96 0.43
CA LEU A 235 -14.76 -12.68 -0.66
C LEU A 235 -15.83 -11.70 -0.26
N ARG A 236 -16.54 -12.03 0.82
CA ARG A 236 -17.93 -11.58 1.01
C ARG A 236 -18.36 -11.04 2.39
N THR A 237 -17.51 -11.21 3.37
CA THR A 237 -17.86 -10.86 4.73
C THR A 237 -16.86 -9.91 5.39
N ASN A 238 -17.31 -9.21 6.42
CA ASN A 238 -16.44 -8.36 7.22
C ASN A 238 -15.61 -9.22 8.18
N ALA A 239 -15.00 -8.61 9.20
CA ALA A 239 -14.06 -9.32 10.07
C ALA A 239 -14.66 -10.50 10.85
N VAL A 240 -15.94 -10.39 11.23
CA VAL A 240 -16.59 -11.45 11.99
C VAL A 240 -17.54 -12.31 11.16
N GLY A 241 -17.32 -12.39 9.86
CA GLY A 241 -18.14 -13.22 8.99
C GLY A 241 -19.50 -12.70 8.65
N ALA A 242 -19.75 -11.41 8.82
CA ALA A 242 -21.03 -10.85 8.45
C ALA A 242 -21.08 -10.47 6.97
N ASN A 243 -22.16 -10.86 6.28
CA ASN A 243 -22.46 -10.34 4.93
C ASN A 243 -23.14 -8.98 5.06
N LEU A 244 -22.37 -7.92 4.87
CA LEU A 244 -22.86 -6.56 5.08
C LEU A 244 -24.13 -6.24 4.28
N ASN A 245 -24.36 -6.92 3.16
CA ASN A 245 -25.50 -6.58 2.33
C ASN A 245 -26.75 -7.32 2.74
N ARG A 246 -26.74 -7.88 3.96
CA ARG A 246 -27.94 -8.40 4.62
C ARG A 246 -28.12 -7.73 5.97
N GLU A 247 -27.35 -6.67 6.23
CA GLU A 247 -27.36 -5.98 7.53
C GLU A 247 -28.08 -4.63 7.55
N TRP A 248 -28.71 -4.23 6.46
CA TRP A 248 -29.23 -2.85 6.32
C TRP A 248 -30.47 -2.57 7.14
N GLN A 249 -31.22 -3.59 7.45
CA GLN A 249 -32.40 -3.37 8.23
C GLN A 249 -32.13 -3.30 9.71
N THR A 250 -31.29 -4.20 10.23
CA THR A 250 -31.00 -4.21 11.67
C THR A 250 -29.51 -4.41 11.93
N PRO A 251 -28.69 -3.41 11.56
CA PRO A 251 -27.25 -3.51 11.82
C PRO A 251 -26.93 -3.21 13.26
N SER A 252 -25.69 -3.45 13.64
CA SER A 252 -25.24 -3.17 15.00
C SER A 252 -23.83 -2.75 14.93
N LEU A 253 -23.39 -2.04 15.97
CA LEU A 253 -22.00 -1.63 16.10
C LEU A 253 -21.09 -2.84 16.28
N GLU A 254 -21.56 -3.89 16.95
CA GLU A 254 -20.70 -5.04 17.26
C GLU A 254 -20.55 -6.13 16.18
N ARG A 255 -21.47 -6.15 15.22
CA ARG A 255 -21.41 -7.12 14.11
C ARG A 255 -21.15 -6.45 12.76
N SER A 256 -21.79 -5.32 12.53
CA SER A 256 -21.79 -4.64 11.26
C SER A 256 -21.74 -3.10 11.42
N PRO A 257 -20.67 -2.58 12.06
CA PRO A 257 -20.54 -1.12 12.25
C PRO A 257 -20.45 -0.34 10.90
N GLU A 258 -19.93 -1.02 9.90
CA GLU A 258 -19.73 -0.47 8.60
C GLU A 258 -21.06 0.00 8.07
N VAL A 259 -22.10 -0.84 8.17
CA VAL A 259 -23.44 -0.47 7.69
C VAL A 259 -24.17 0.43 8.67
N TYR A 260 -24.01 0.11 9.93
CA TYR A 260 -24.58 0.92 11.00
C TYR A 260 -24.28 2.40 10.78
N TYR A 261 -23.03 2.78 10.53
CA TYR A 261 -22.76 4.23 10.41
C TYR A 261 -23.33 4.83 9.14
N VAL A 262 -23.33 4.08 8.05
CA VAL A 262 -23.89 4.61 6.79
C VAL A 262 -25.43 4.82 6.87
N VAL A 263 -26.13 3.84 7.42
CA VAL A 263 -27.58 3.94 7.64
C VAL A 263 -27.91 5.21 8.47
N ASN A 264 -27.15 5.45 9.54
CA ASN A 264 -27.43 6.61 10.34
C ASN A 264 -27.08 7.92 9.60
N LYS A 265 -26.01 7.95 8.84
CA LYS A 265 -25.71 9.14 8.04
C LYS A 265 -26.79 9.41 6.97
N MSE A 266 -27.26 8.36 6.30
CA MSE A 266 -28.33 8.51 5.31
C MSE A 266 -29.55 9.14 5.90
O MSE A 266 -30.23 9.95 5.24
CB MSE A 266 -28.71 7.15 4.72
CG MSE A 266 -27.66 6.57 3.78
SE MSE A 266 -28.20 4.85 3.19
CE MSE A 266 -26.96 4.54 1.75
N HIS A 267 -29.86 8.80 7.16
CA HIS A 267 -30.98 9.42 7.81
C HIS A 267 -30.72 10.90 8.01
N GLU A 268 -29.48 11.34 8.28
CA GLU A 268 -29.22 12.78 8.37
C GLU A 268 -29.38 13.48 7.01
N THR A 269 -28.86 12.85 5.96
CA THR A 269 -28.77 13.49 4.68
C THR A 269 -29.97 13.32 3.78
N GLY A 270 -30.71 12.22 3.94
CA GLY A 270 -31.76 11.88 2.99
C GLY A 270 -31.06 11.21 1.82
N VAL A 271 -31.84 10.52 0.97
CA VAL A 271 -31.31 9.88 -0.24
C VAL A 271 -32.22 10.09 -1.44
N ASP A 272 -31.67 10.64 -2.52
CA ASP A 272 -32.42 10.85 -3.76
C ASP A 272 -32.04 9.91 -4.91
N LEU A 273 -30.80 9.42 -4.85
CA LEU A 273 -30.32 8.42 -5.78
C LEU A 273 -29.28 7.57 -5.02
N PHE A 274 -29.45 6.25 -5.12
CA PHE A 274 -28.60 5.28 -4.49
C PHE A 274 -27.98 4.36 -5.50
N TYR A 275 -26.67 4.15 -5.37
CA TYR A 275 -25.95 3.28 -6.29
C TYR A 275 -25.00 2.40 -5.50
N ASP A 276 -25.28 1.10 -5.50
CA ASP A 276 -24.54 0.11 -4.68
C ASP A 276 -23.67 -0.70 -5.62
N VAL A 277 -22.36 -0.47 -5.54
CA VAL A 277 -21.45 -1.04 -6.53
C VAL A 277 -20.88 -2.39 -6.12
N HIS A 278 -21.16 -3.36 -6.97
CA HIS A 278 -20.83 -4.76 -6.74
C HIS A 278 -20.21 -5.39 -7.97
N GLY A 279 -19.70 -6.58 -7.77
CA GLY A 279 -19.12 -7.40 -8.85
C GLY A 279 -19.81 -8.77 -8.83
N ASP A 280 -20.16 -9.33 -9.99
CA ASP A 280 -20.82 -10.65 -10.04
C ASP A 280 -19.86 -11.71 -10.59
N GLU A 281 -19.78 -12.87 -9.94
CA GLU A 281 -18.82 -13.93 -10.28
C GLU A 281 -19.25 -14.68 -11.55
N GLY A 282 -20.54 -14.90 -11.64
CA GLY A 282 -21.08 -15.81 -12.64
C GLY A 282 -21.37 -15.31 -14.04
N LEU A 283 -22.04 -14.16 -14.14
CA LEU A 283 -22.44 -13.60 -15.42
C LEU A 283 -21.31 -12.78 -16.02
N PRO A 284 -20.99 -12.99 -17.32
CA PRO A 284 -19.99 -12.15 -17.99
C PRO A 284 -20.70 -10.98 -18.69
N TYR A 285 -21.30 -10.09 -17.89
CA TYR A 285 -22.04 -8.92 -18.37
C TYR A 285 -22.12 -7.84 -17.30
N VAL A 286 -22.43 -6.63 -17.71
CA VAL A 286 -22.66 -5.57 -16.77
C VAL A 286 -24.16 -5.40 -16.73
N PHE A 287 -24.69 -5.28 -15.52
CA PHE A 287 -26.12 -5.14 -15.39
C PHE A 287 -26.46 -4.44 -14.11
N LEU A 288 -27.64 -3.79 -14.13
CA LEU A 288 -28.23 -3.23 -12.92
C LEU A 288 -29.25 -4.21 -12.37
N ALA A 289 -29.34 -4.28 -11.03
CA ALA A 289 -30.48 -4.93 -10.36
C ALA A 289 -31.13 -3.83 -9.55
N GLY A 290 -32.42 -3.61 -9.83
CA GLY A 290 -33.22 -2.57 -9.21
C GLY A 290 -33.86 -3.05 -7.91
N CYS A 291 -34.97 -2.42 -7.54
CA CYS A 291 -35.64 -2.69 -6.27
C CYS A 291 -37.16 -2.77 -6.44
N GLU A 292 -37.58 -3.29 -7.58
CA GLU A 292 -38.98 -3.44 -7.96
C GLU A 292 -39.83 -4.23 -6.97
N GLY A 293 -39.19 -5.05 -6.14
CA GLY A 293 -39.92 -5.87 -5.19
C GLY A 293 -40.26 -5.17 -3.88
N ILE A 294 -39.79 -3.93 -3.71
CA ILE A 294 -40.03 -3.23 -2.44
C ILE A 294 -41.50 -2.87 -2.27
N PRO A 295 -41.99 -2.93 -1.03
CA PRO A 295 -43.38 -2.56 -0.82
C PRO A 295 -43.72 -1.11 -1.23
N ASN A 296 -42.76 -0.20 -1.20
CA ASN A 296 -43.08 1.17 -1.61
C ASN A 296 -42.88 1.43 -3.09
N TYR A 297 -42.86 0.38 -3.90
CA TYR A 297 -42.59 0.58 -5.34
C TYR A 297 -43.73 1.38 -5.92
N SER A 298 -43.43 2.20 -6.92
CA SER A 298 -44.43 3.10 -7.50
C SER A 298 -44.19 3.30 -8.95
N ASP A 299 -45.19 3.82 -9.64
CA ASP A 299 -45.06 4.09 -11.05
C ASP A 299 -43.92 5.05 -11.25
N LYS A 300 -43.86 6.05 -10.36
CA LYS A 300 -42.82 7.05 -10.37
C LYS A 300 -41.43 6.42 -10.28
N LEU A 301 -41.25 5.52 -9.33
CA LEU A 301 -39.97 4.83 -9.24
C LEU A 301 -39.68 4.00 -10.50
N ALA A 302 -40.66 3.31 -11.05
CA ALA A 302 -40.45 2.49 -12.27
C ALA A 302 -40.04 3.33 -13.50
N SER A 303 -40.52 4.57 -13.49
CA SER A 303 -40.28 5.55 -14.54
C SER A 303 -38.88 6.07 -14.48
N LEU A 304 -38.43 6.41 -13.27
CA LEU A 304 -37.06 6.83 -13.05
C LEU A 304 -36.09 5.73 -13.44
N GLN A 305 -36.47 4.50 -13.12
CA GLN A 305 -35.63 3.35 -13.43
C GLN A 305 -35.47 3.21 -14.92
N GLN A 306 -36.53 3.41 -15.68
CA GLN A 306 -36.43 3.26 -17.13
C GLN A 306 -35.61 4.40 -17.73
N ASP A 307 -35.86 5.61 -17.24
CA ASP A 307 -35.04 6.74 -17.61
C ASP A 307 -33.56 6.49 -17.31
N PHE A 308 -33.30 5.99 -16.12
CA PHE A 308 -31.92 5.73 -15.73
C PHE A 308 -31.24 4.64 -16.58
N VAL A 309 -31.97 3.54 -16.85
CA VAL A 309 -31.46 2.42 -17.65
C VAL A 309 -31.19 2.90 -19.09
N ALA A 310 -32.12 3.66 -19.64
CA ALA A 310 -31.95 4.17 -21.00
C ALA A 310 -30.68 5.00 -21.10
N ALA A 311 -30.53 5.94 -20.17
CA ALA A 311 -29.40 6.84 -20.12
C ALA A 311 -28.12 6.03 -19.97
N LEU A 312 -28.10 5.06 -19.07
CA LEU A 312 -26.89 4.23 -18.92
C LEU A 312 -26.56 3.47 -20.21
N SER A 313 -27.60 3.06 -20.94
CA SER A 313 -27.39 2.30 -22.18
C SER A 313 -26.75 3.18 -23.18
N LEU A 314 -27.15 4.44 -23.15
CA LEU A 314 -26.57 5.43 -24.04
C LEU A 314 -25.15 5.81 -23.54
N ALA A 315 -24.95 5.96 -22.23
CA ALA A 315 -23.66 6.41 -21.76
C ALA A 315 -22.61 5.36 -22.00
N SER A 316 -22.96 4.08 -21.90
CA SER A 316 -21.92 3.03 -21.96
C SER A 316 -22.18 1.83 -22.84
N ALA A 317 -21.25 1.56 -23.76
CA ALA A 317 -21.39 0.43 -24.64
C ALA A 317 -21.18 -0.91 -23.88
N ASP A 318 -20.56 -0.91 -22.70
CA ASP A 318 -20.42 -2.13 -21.87
C ASP A 318 -21.72 -2.57 -21.16
N PHE A 319 -22.65 -1.65 -20.97
CA PHE A 319 -23.93 -1.93 -20.35
C PHE A 319 -24.85 -2.76 -21.24
N GLN A 320 -25.71 -3.55 -20.60
CA GLN A 320 -26.72 -4.31 -21.30
C GLN A 320 -27.87 -4.59 -20.33
N THR A 321 -28.98 -5.05 -20.87
CA THR A 321 -30.18 -5.26 -20.09
C THR A 321 -30.88 -6.57 -20.40
N GLU A 322 -30.19 -7.51 -21.00
CA GLU A 322 -30.82 -8.79 -21.32
C GLU A 322 -30.58 -9.82 -20.21
N PHE A 323 -29.40 -9.78 -19.61
CA PHE A 323 -29.01 -10.73 -18.61
C PHE A 323 -28.80 -10.02 -17.30
N GLY A 324 -29.05 -10.73 -16.21
CA GLY A 324 -28.91 -10.20 -14.86
C GLY A 324 -29.61 -11.12 -13.89
N TYR A 325 -30.01 -10.58 -12.74
CA TYR A 325 -30.73 -11.36 -11.78
C TYR A 325 -32.21 -11.35 -12.13
N ASP A 326 -32.95 -12.40 -11.77
CA ASP A 326 -34.41 -12.41 -11.95
C ASP A 326 -34.96 -11.28 -11.12
N LYS A 327 -36.08 -10.72 -11.52
CA LYS A 327 -36.66 -9.64 -10.74
C LYS A 327 -37.49 -10.20 -9.58
N ASP A 328 -37.62 -9.39 -8.53
CA ASP A 328 -38.42 -9.75 -7.36
C ASP A 328 -39.88 -9.59 -7.71
N GLU A 329 -40.73 -10.39 -7.09
CA GLU A 329 -42.16 -10.24 -7.23
C GLU A 329 -42.58 -9.01 -6.45
N PRO A 330 -43.76 -8.46 -6.77
CA PRO A 330 -44.18 -7.28 -6.07
C PRO A 330 -44.26 -7.57 -4.59
N GLY A 331 -43.70 -6.67 -3.78
CA GLY A 331 -43.68 -6.82 -2.36
C GLY A 331 -42.70 -7.85 -1.84
N LYS A 332 -42.13 -8.69 -2.69
CA LYS A 332 -41.31 -9.77 -2.14
C LYS A 332 -39.82 -9.43 -1.91
N ALA A 333 -39.39 -8.17 -2.07
CA ALA A 333 -37.96 -7.87 -1.86
C ALA A 333 -37.50 -8.11 -0.45
N ASN A 334 -36.24 -8.49 -0.34
CA ASN A 334 -35.55 -8.62 0.95
C ASN A 334 -35.04 -7.26 1.39
N LEU A 335 -35.60 -6.73 2.47
CA LEU A 335 -35.28 -5.42 2.92
C LEU A 335 -34.02 -5.34 3.76
N THR A 336 -33.24 -6.42 3.83
CA THR A 336 -31.95 -6.37 4.52
C THR A 336 -30.83 -6.09 3.52
N VAL A 337 -31.20 -6.10 2.24
CA VAL A 337 -30.30 -5.77 1.14
C VAL A 337 -30.34 -4.25 0.90
N ALA A 338 -29.18 -3.63 0.71
CA ALA A 338 -29.06 -2.16 0.69
C ALA A 338 -30.01 -1.47 -0.28
N CYS A 339 -29.99 -1.97 -1.50
CA CYS A 339 -30.78 -1.39 -2.56
C CYS A 339 -32.27 -1.35 -2.23
N ASN A 340 -32.80 -2.43 -1.67
CA ASN A 340 -34.22 -2.47 -1.28
C ASN A 340 -34.47 -1.63 -0.06
N TRP A 341 -33.58 -1.76 0.91
CA TRP A 341 -33.78 -1.07 2.16
C TRP A 341 -33.78 0.43 1.93
N VAL A 342 -32.82 0.92 1.15
CA VAL A 342 -32.74 2.33 0.85
C VAL A 342 -33.95 2.75 0.02
N ALA A 343 -34.22 2.05 -1.08
CA ALA A 343 -35.33 2.43 -1.95
C ALA A 343 -36.57 2.45 -1.10
N ASN A 344 -36.78 1.42 -0.29
CA ASN A 344 -38.01 1.36 0.48
C ASN A 344 -38.09 2.43 1.58
N THR A 345 -36.93 2.82 2.13
CA THR A 345 -36.92 3.73 3.24
C THR A 345 -37.03 5.16 2.79
N PHE A 346 -36.38 5.52 1.68
CA PHE A 346 -36.33 6.91 1.20
C PHE A 346 -37.15 7.14 -0.07
N LYS A 347 -37.85 6.10 -0.49
CA LYS A 347 -38.68 6.17 -1.66
C LYS A 347 -37.93 6.82 -2.80
N CYS A 348 -36.82 6.19 -3.19
CA CYS A 348 -35.95 6.75 -4.21
C CYS A 348 -35.36 5.77 -5.26
N LEU A 349 -34.86 6.34 -6.35
CA LEU A 349 -34.15 5.60 -7.37
C LEU A 349 -32.95 4.93 -6.70
N SER A 350 -32.83 3.65 -6.94
CA SER A 350 -31.90 2.84 -6.23
C SER A 350 -31.55 1.60 -7.07
N ASN A 351 -30.26 1.41 -7.33
CA ASN A 351 -29.81 0.20 -8.04
C ASN A 351 -28.55 -0.42 -7.47
N THR A 352 -28.44 -1.72 -7.65
CA THR A 352 -27.20 -2.42 -7.44
C THR A 352 -26.60 -2.54 -8.80
N LEU A 353 -25.34 -2.17 -8.94
CA LEU A 353 -24.57 -2.37 -10.19
C LEU A 353 -23.69 -3.60 -10.03
N GLU A 354 -23.67 -4.45 -11.05
CA GLU A 354 -22.90 -5.68 -11.01
C GLU A 354 -21.98 -5.64 -12.21
N MSE A 355 -20.69 -5.75 -11.94
CA MSE A 355 -19.69 -5.88 -13.03
C MSE A 355 -19.11 -7.29 -12.97
O MSE A 355 -19.05 -7.92 -11.91
CB MSE A 355 -18.58 -4.83 -12.91
CG MSE A 355 -19.02 -3.40 -13.23
SE MSE A 355 -17.65 -2.08 -12.82
CE MSE A 355 -17.72 -2.27 -10.90
N PRO A 356 -18.66 -7.81 -14.10
CA PRO A 356 -18.17 -9.18 -14.08
C PRO A 356 -16.71 -9.36 -13.67
N PHE A 357 -16.44 -10.47 -13.01
CA PHE A 357 -15.08 -10.95 -12.76
C PHE A 357 -14.48 -11.49 -14.04
N LYS A 358 -15.33 -11.99 -14.92
CA LYS A 358 -14.86 -12.58 -16.18
C LYS A 358 -14.53 -11.48 -17.20
N ASP A 359 -15.56 -11.02 -17.93
CA ASP A 359 -15.42 -10.05 -19.01
C ASP A 359 -16.84 -9.71 -19.42
N ASN A 360 -16.97 -8.74 -20.32
CA ASN A 360 -18.21 -8.46 -20.98
C ASN A 360 -18.26 -9.32 -22.24
N ALA A 361 -18.97 -10.44 -22.16
CA ALA A 361 -19.13 -11.32 -23.30
C ALA A 361 -19.46 -10.55 -24.57
N ASN A 362 -20.18 -9.43 -24.47
CA ASN A 362 -20.50 -8.61 -25.68
C ASN A 362 -19.36 -7.80 -26.29
N LEU A 363 -18.33 -7.50 -25.52
CA LEU A 363 -17.17 -6.77 -26.00
C LEU A 363 -15.95 -7.45 -25.39
N ALA A 364 -15.73 -8.71 -25.76
CA ALA A 364 -14.68 -9.51 -25.12
C ALA A 364 -13.33 -8.87 -25.33
N ASP A 365 -12.42 -9.09 -24.38
CA ASP A 365 -11.03 -8.64 -24.48
C ASP A 365 -10.15 -9.75 -23.92
N PRO A 366 -9.61 -10.60 -24.76
CA PRO A 366 -8.84 -11.72 -24.23
C PRO A 366 -7.65 -11.38 -23.38
N PHE A 367 -6.95 -10.28 -23.70
CA PHE A 367 -5.73 -9.96 -22.95
C PHE A 367 -6.03 -9.68 -21.47
N GLN A 368 -7.14 -9.00 -21.19
CA GLN A 368 -7.42 -8.58 -19.81
C GLN A 368 -8.80 -8.82 -19.30
N GLY A 369 -9.73 -9.20 -20.17
CA GLY A 369 -11.12 -9.40 -19.71
C GLY A 369 -11.66 -8.13 -19.05
N TRP A 370 -12.48 -8.27 -18.03
CA TRP A 370 -12.94 -7.09 -17.31
C TRP A 370 -11.77 -6.65 -16.44
N SER A 371 -11.63 -5.34 -16.25
CA SER A 371 -10.38 -4.77 -15.71
C SER A 371 -10.67 -3.52 -14.94
N PRO A 372 -9.65 -3.02 -14.21
CA PRO A 372 -9.85 -1.74 -13.51
C PRO A 372 -10.18 -0.58 -14.45
N GLU A 373 -9.47 -0.52 -15.58
CA GLU A 373 -9.65 0.55 -16.57
C GLU A 373 -11.07 0.55 -17.14
N ARG A 374 -11.62 -0.62 -17.40
CA ARG A 374 -13.01 -0.70 -17.85
C ARG A 374 -13.94 -0.30 -16.70
N SER A 375 -13.58 -0.65 -15.46
CA SER A 375 -14.37 -0.24 -14.33
C SER A 375 -14.34 1.28 -14.19
N VAL A 376 -13.19 1.88 -14.42
CA VAL A 376 -13.05 3.32 -14.33
C VAL A 376 -13.95 3.96 -15.38
N TYR A 377 -13.92 3.41 -16.58
CA TYR A 377 -14.81 3.93 -17.61
C TYR A 377 -16.26 3.77 -17.23
N PHE A 378 -16.62 2.66 -16.61
CA PHE A 378 -18.04 2.54 -16.26
C PHE A 378 -18.43 3.57 -15.15
N GLY A 379 -17.48 3.97 -14.33
CA GLY A 379 -17.74 4.99 -13.29
C GLY A 379 -18.14 6.28 -13.97
N GLU A 380 -17.38 6.64 -15.00
CA GLU A 380 -17.65 7.80 -15.83
C GLU A 380 -19.02 7.72 -16.49
N ALA A 381 -19.34 6.59 -17.10
CA ALA A 381 -20.66 6.43 -17.70
C ALA A 381 -21.79 6.57 -16.68
N SER A 382 -21.52 6.19 -15.44
CA SER A 382 -22.54 6.26 -14.38
C SER A 382 -22.92 7.71 -14.09
N LEU A 383 -21.95 8.62 -14.13
CA LEU A 383 -22.26 10.04 -13.88
C LEU A 383 -23.22 10.57 -14.96
N ILE A 384 -23.02 10.14 -16.21
CA ILE A 384 -23.90 10.55 -17.33
C ILE A 384 -25.32 10.07 -17.09
N ALA A 385 -25.47 8.80 -16.73
CA ALA A 385 -26.79 8.24 -16.39
C ALA A 385 -27.41 9.05 -15.28
N MSE A 386 -26.66 9.37 -14.24
CA MSE A 386 -27.21 10.12 -13.10
C MSE A 386 -27.63 11.48 -13.56
O MSE A 386 -28.75 11.91 -13.26
CB MSE A 386 -26.20 10.25 -11.98
CG MSE A 386 -26.00 8.97 -11.19
SE MSE A 386 -24.38 9.05 -10.06
CE MSE A 386 -24.33 7.16 -9.50
N ARG A 387 -26.76 12.16 -14.29
CA ARG A 387 -27.17 13.45 -14.82
C ARG A 387 -28.50 13.38 -15.59
N ALA A 388 -28.71 12.30 -16.33
CA ALA A 388 -29.92 12.17 -17.10
C ALA A 388 -31.17 12.23 -16.22
N VAL A 389 -31.08 11.83 -14.94
CA VAL A 389 -32.27 11.89 -14.06
C VAL A 389 -32.19 12.97 -12.97
N ILE A 390 -31.21 13.83 -13.07
CA ILE A 390 -30.93 14.75 -11.97
C ILE A 390 -32.10 15.66 -11.62
N ASP A 391 -32.82 16.15 -12.59
CA ASP A 391 -33.96 17.00 -12.26
C ASP A 391 -35.20 16.17 -12.03
N LYS A 392 -35.16 14.88 -12.33
CA LYS A 392 -36.33 14.07 -12.13
C LYS A 392 -36.35 13.54 -10.72
N ILE A 393 -35.20 13.46 -10.08
CA ILE A 393 -35.12 12.87 -8.74
C ILE A 393 -35.23 13.94 -7.69
N GLY A 394 -35.23 13.50 -6.45
CA GLY A 394 -35.36 14.38 -5.34
C GLY A 394 -36.81 14.72 -5.14
N GLN A 395 -37.04 15.83 -4.50
CA GLN A 395 -38.38 16.30 -4.25
C GLN A 395 -38.43 17.79 -4.44
N MSE B 20 -13.12 14.52 16.89
CA MSE B 20 -11.65 14.19 16.95
C MSE B 20 -11.34 12.71 16.99
O MSE B 20 -11.89 12.00 17.79
CB MSE B 20 -11.02 14.81 18.17
CG MSE B 20 -11.23 16.27 18.16
SE MSE B 20 -10.13 17.13 19.44
CE MSE B 20 -10.94 16.38 21.03
N ARG B 21 -10.42 12.26 16.14
CA ARG B 21 -10.05 10.85 16.04
C ARG B 21 -8.56 10.66 15.80
N ILE B 22 -8.02 9.57 16.31
CA ILE B 22 -6.63 9.22 16.07
C ILE B 22 -6.59 7.79 15.63
N SER B 23 -5.79 7.47 14.65
CA SER B 23 -5.68 6.11 14.27
C SER B 23 -4.32 5.68 13.71
N ALA B 24 -4.00 4.43 14.00
CA ALA B 24 -2.75 3.86 13.63
C ALA B 24 -2.82 2.44 13.10
N ASN B 25 -4.00 1.88 12.85
CA ASN B 25 -4.09 0.50 12.34
CA ASN B 25 -4.12 0.51 12.33
C ASN B 25 -3.94 0.48 10.82
N PHE B 26 -2.69 0.42 10.37
CA PHE B 26 -2.33 0.32 8.99
C PHE B 26 -0.87 0.03 8.99
N ASP B 27 -0.39 -0.40 7.83
CA ASP B 27 1.02 -0.67 7.58
C ASP B 27 1.88 0.47 8.15
N GLY B 28 2.77 0.12 9.08
CA GLY B 28 3.72 1.05 9.65
C GLY B 28 3.20 2.01 10.71
N GLY B 29 1.93 1.85 11.06
CA GLY B 29 1.33 2.69 12.08
C GLY B 29 1.96 2.46 13.46
N ASN B 30 2.00 3.52 14.25
CA ASN B 30 2.45 3.45 15.64
C ASN B 30 1.97 4.67 16.41
N ILE B 31 0.87 4.50 17.14
CA ILE B 31 0.52 5.44 18.19
C ILE B 31 -0.48 4.78 19.13
N GLU B 32 -0.43 5.19 20.40
CA GLU B 32 -1.45 4.80 21.35
C GLU B 32 -2.14 6.07 21.74
N THR B 33 -3.47 6.03 21.83
CA THR B 33 -4.29 7.14 22.25
C THR B 33 -4.52 7.12 23.76
N ILE B 34 -4.00 8.12 24.45
CA ILE B 34 -4.21 8.26 25.88
C ILE B 34 -5.45 9.12 26.12
N SER B 35 -5.56 10.27 25.46
CA SER B 35 -6.77 11.10 25.65
C SER B 35 -7.09 12.05 24.48
N LEU B 36 -8.36 12.02 24.10
CA LEU B 36 -8.92 12.83 23.03
C LEU B 36 -9.93 13.83 23.57
N ALA B 37 -9.86 14.07 24.86
CA ALA B 37 -10.84 14.94 25.50
C ALA B 37 -10.63 16.40 25.09
N ASN B 38 -9.38 16.87 25.18
CA ASN B 38 -9.11 18.28 25.02
C ASN B 38 -8.36 18.63 23.73
N PRO B 39 -8.98 19.44 22.85
CA PRO B 39 -8.33 19.80 21.58
C PRO B 39 -7.03 20.46 21.76
N ASP B 40 -6.88 21.21 22.85
CA ASP B 40 -5.59 21.82 23.19
C ASP B 40 -4.62 20.88 23.92
N ASP B 41 -4.97 19.61 24.12
CA ASP B 41 -4.10 18.67 24.81
C ASP B 41 -4.50 17.25 24.48
N ILE B 42 -4.33 16.88 23.23
CA ILE B 42 -4.59 15.51 22.77
C ILE B 42 -3.39 14.70 23.28
N GLN B 43 -3.67 13.67 24.06
CA GLN B 43 -2.59 12.87 24.67
C GLN B 43 -2.38 11.54 23.96
N LEU B 44 -1.13 11.29 23.60
CA LEU B 44 -0.70 10.16 22.79
C LEU B 44 0.61 9.54 23.34
N ALA B 45 0.88 8.31 22.94
CA ALA B 45 2.08 7.58 23.36
C ALA B 45 2.59 6.70 22.23
N ILE B 46 3.90 6.60 22.16
CA ILE B 46 4.51 5.73 21.17
C ILE B 46 4.50 4.35 21.77
N ARG B 47 4.25 3.34 20.95
CA ARG B 47 4.23 1.96 21.38
C ARG B 47 5.62 1.38 21.21
N PRO B 48 6.18 0.75 22.24
CA PRO B 48 7.57 0.30 22.09
C PRO B 48 7.77 -0.83 21.06
N ASP B 49 8.97 -0.95 20.48
CA ASP B 49 9.26 -2.10 19.64
C ASP B 49 9.00 -3.36 20.44
N ALA B 50 8.76 -4.47 19.75
CA ALA B 50 8.67 -5.76 20.40
C ALA B 50 9.99 -5.99 21.17
N GLY B 51 9.85 -6.57 22.34
CA GLY B 51 10.98 -6.77 23.23
C GLY B 51 11.15 -5.59 24.17
N GLY B 52 10.41 -4.50 23.95
CA GLY B 52 10.41 -3.36 24.85
C GLY B 52 11.66 -2.51 25.02
N GLU B 53 12.75 -2.81 24.30
CA GLU B 53 14.04 -2.11 24.49
C GLU B 53 14.22 -0.77 23.70
N PHE B 54 13.40 -0.54 22.66
CA PHE B 54 13.54 0.67 21.81
C PHE B 54 12.22 1.23 21.33
N TYR B 55 12.23 2.53 21.07
CA TYR B 55 11.19 3.17 20.25
C TYR B 55 11.55 4.59 19.93
N GLN B 56 10.92 5.11 18.86
CA GLN B 56 10.99 6.55 18.50
C GLN B 56 10.05 6.88 17.33
N TRP B 57 10.02 5.99 16.35
CA TRP B 57 9.10 6.06 15.24
C TRP B 57 7.67 6.15 15.71
N PHE B 58 6.91 7.02 15.07
CA PHE B 58 5.45 7.08 15.25
C PHE B 58 4.89 7.40 13.89
N ASN B 59 3.65 6.98 13.67
CA ASN B 59 2.99 7.14 12.40
C ASN B 59 1.51 6.94 12.67
N PHE B 60 0.72 8.00 12.59
CA PHE B 60 -0.72 7.90 12.85
C PHE B 60 -1.51 8.88 11.99
N ARG B 61 -2.83 8.73 11.98
CA ARG B 61 -3.73 9.59 11.26
C ARG B 61 -4.64 10.32 12.25
N PHE B 62 -4.93 11.58 11.96
CA PHE B 62 -5.69 12.41 12.86
C PHE B 62 -6.78 13.12 12.08
N GLU B 63 -7.99 13.04 12.56
CA GLU B 63 -9.13 13.72 11.91
C GLU B 63 -9.84 14.59 12.93
N ALA B 64 -10.19 15.82 12.55
CA ALA B 64 -10.86 16.76 13.42
C ALA B 64 -11.54 17.84 12.57
N THR B 65 -12.12 18.86 13.19
CA THR B 65 -12.76 19.95 12.44
C THR B 65 -11.71 20.94 11.93
N ILE B 66 -11.80 21.30 10.65
CA ILE B 66 -10.80 22.19 10.07
C ILE B 66 -10.91 23.61 10.59
N GLY B 67 -9.84 24.36 10.47
CA GLY B 67 -9.80 25.72 10.89
C GLY B 67 -9.53 25.92 12.36
N LYS B 68 -9.26 24.85 13.09
CA LYS B 68 -8.89 24.96 14.47
C LYS B 68 -7.44 24.54 14.53
N THR B 69 -6.75 25.00 15.57
CA THR B 69 -5.39 24.55 15.85
C THR B 69 -5.38 23.59 17.06
N TYR B 70 -4.91 22.37 16.82
CA TYR B 70 -4.83 21.32 17.84
C TYR B 70 -3.39 21.13 18.33
N THR B 71 -3.26 20.78 19.60
CA THR B 71 -1.98 20.43 20.18
C THR B 71 -1.99 18.94 20.49
N LEU B 72 -1.10 18.22 19.81
CA LEU B 72 -0.95 16.78 20.02
C LEU B 72 0.33 16.51 20.78
N ASN B 73 0.15 15.89 21.96
CA ASN B 73 1.22 15.61 22.89
C ASN B 73 1.57 14.13 22.95
N ILE B 74 2.78 13.81 22.49
CA ILE B 74 3.29 12.44 22.61
C ILE B 74 3.96 12.34 24.00
N LEU B 75 3.18 11.88 24.98
CA LEU B 75 3.60 11.92 26.40
C LEU B 75 4.93 11.21 26.72
N ASN B 76 5.20 10.09 26.07
CA ASN B 76 6.40 9.33 26.39
C ASN B 76 7.60 9.59 25.49
N ALA B 77 7.66 10.76 24.88
CA ALA B 77 8.78 11.07 23.99
C ALA B 77 10.07 10.96 24.79
N GLY B 78 10.01 11.33 26.04
CA GLY B 78 11.17 11.32 26.90
C GLY B 78 11.75 9.98 27.16
N GLY B 79 10.96 8.93 26.91
CA GLY B 79 11.41 7.55 27.08
C GLY B 79 11.91 6.93 25.79
N ALA B 80 12.02 7.72 24.73
CA ALA B 80 12.47 7.20 23.42
C ALA B 80 13.97 6.91 23.43
N SER B 81 14.42 6.12 22.48
CA SER B 81 15.78 5.68 22.45
C SER B 81 16.81 6.79 22.17
N TYR B 82 16.45 7.88 21.49
CA TYR B 82 17.46 8.90 21.12
C TYR B 82 16.93 10.31 21.36
N LEU B 83 17.19 10.85 22.54
CA LEU B 83 16.55 12.11 22.92
C LEU B 83 17.12 13.29 22.19
N LYS B 84 18.35 13.20 21.68
CA LYS B 84 18.90 14.27 20.86
CA LYS B 84 18.90 14.30 20.89
C LYS B 84 18.01 14.50 19.65
N GLY B 85 17.41 13.41 19.17
CA GLY B 85 16.55 13.45 17.99
C GLY B 85 15.30 14.28 18.13
N TRP B 86 14.93 14.59 19.37
CA TRP B 86 13.80 15.45 19.60
C TRP B 86 14.20 16.91 19.62
N GLU B 87 15.49 17.21 19.73
CA GLU B 87 15.90 18.60 19.82
C GLU B 87 15.98 19.23 18.40
N ASP B 88 15.20 20.29 18.22
CA ASP B 88 15.07 20.99 16.95
C ASP B 88 14.38 20.15 15.92
N TYR B 89 13.62 19.15 16.35
CA TYR B 89 12.96 18.26 15.42
C TYR B 89 11.55 18.74 15.17
N GLN B 90 11.12 18.58 13.93
CA GLN B 90 9.74 18.89 13.59
C GLN B 90 9.09 17.70 12.94
N ALA B 91 7.90 17.35 13.44
CA ALA B 91 7.16 16.20 12.91
C ALA B 91 6.84 16.36 11.43
N VAL B 92 6.71 15.23 10.75
CA VAL B 92 6.40 15.21 9.34
C VAL B 92 4.95 14.87 9.24
N ALA B 93 4.25 15.47 8.27
CA ALA B 93 2.80 15.32 8.13
C ALA B 93 2.40 15.47 6.65
N SER B 94 1.27 14.88 6.29
CA SER B 94 0.74 15.05 4.96
C SER B 94 -0.79 15.00 4.94
N TYR B 95 -1.39 15.83 4.08
CA TYR B 95 -2.82 15.75 3.82
C TYR B 95 -3.11 14.73 2.72
N ASP B 96 -2.20 14.61 1.75
CA ASP B 96 -2.55 13.83 0.57
C ASP B 96 -1.77 12.52 0.40
N ARG B 97 -0.86 12.23 1.35
CA ARG B 97 0.09 11.11 1.38
C ARG B 97 1.06 11.17 0.25
N GLN B 98 1.20 12.33 -0.39
CA GLN B 98 2.18 12.54 -1.45
C GLN B 98 3.21 13.56 -1.08
N THR B 99 2.75 14.73 -0.63
CA THR B 99 3.62 15.79 -0.19
C THR B 99 3.65 15.78 1.33
N TRP B 100 4.82 15.52 1.88
CA TRP B 100 5.00 15.44 3.32
C TRP B 100 5.81 16.64 3.82
N PHE B 101 5.23 17.41 4.72
CA PHE B 101 5.83 18.65 5.16
C PHE B 101 6.05 18.62 6.65
N ARG B 102 6.75 19.61 7.19
CA ARG B 102 7.08 19.65 8.60
C ARG B 102 6.07 20.44 9.41
N LEU B 103 5.80 20.04 10.65
CA LEU B 103 4.86 20.75 11.54
C LEU B 103 5.57 21.46 12.73
N PRO B 104 5.01 22.57 13.24
CA PRO B 104 5.59 23.21 14.41
C PRO B 104 5.57 22.20 15.55
N THR B 105 6.76 21.94 16.10
CA THR B 105 6.93 20.90 17.09
C THR B 105 7.82 21.39 18.19
N GLU B 106 7.53 20.99 19.43
CA GLU B 106 8.46 21.27 20.49
C GLU B 106 8.55 20.16 21.49
N TYR B 107 9.68 20.10 22.17
CA TYR B 107 9.98 19.06 23.14
C TYR B 107 10.22 19.70 24.52
N LYS B 108 9.32 19.43 25.46
CA LYS B 108 9.30 20.06 26.79
C LYS B 108 8.68 19.07 27.78
N ASP B 109 9.32 18.92 28.93
CA ASP B 109 8.83 18.05 29.99
C ASP B 109 8.63 16.62 29.55
N GLY B 110 9.59 16.10 28.81
CA GLY B 110 9.50 14.74 28.28
C GLY B 110 8.44 14.50 27.22
N LYS B 111 7.77 15.54 26.76
CA LYS B 111 6.77 15.33 25.71
C LYS B 111 7.00 16.17 24.46
N LEU B 112 6.70 15.53 23.33
CA LEU B 112 6.84 16.13 22.01
C LEU B 112 5.46 16.69 21.67
N SER B 113 5.43 18.01 21.54
CA SER B 113 4.20 18.74 21.24
C SER B 113 4.10 19.22 19.81
N ILE B 114 3.08 18.71 19.12
CA ILE B 114 2.85 19.01 17.73
C ILE B 114 1.60 19.88 17.53
N SER B 115 1.78 21.08 16.94
CA SER B 115 0.62 21.95 16.59
C SER B 115 0.05 21.60 15.25
N VAL B 116 -1.24 21.32 15.22
CA VAL B 116 -1.89 21.06 13.96
C VAL B 116 -2.96 22.10 13.68
N GLU B 117 -2.64 23.04 12.81
CA GLU B 117 -3.67 23.94 12.30
C GLU B 117 -4.35 23.21 11.12
N LEU B 118 -5.35 22.40 11.42
CA LEU B 118 -5.94 21.54 10.40
C LEU B 118 -6.54 22.26 9.20
N ASP B 119 -5.90 22.15 8.05
CA ASP B 119 -6.44 22.73 6.83
C ASP B 119 -7.41 21.76 6.12
N CYS B 120 -7.26 20.45 6.35
CA CYS B 120 -8.22 19.43 5.88
C CYS B 120 -8.63 18.55 7.07
N GLU B 121 -9.76 17.86 6.93
CA GLU B 121 -10.29 17.00 7.98
C GLU B 121 -9.27 15.98 8.44
N ALA B 122 -8.55 15.37 7.48
CA ALA B 122 -7.64 14.25 7.76
C ALA B 122 -6.19 14.59 7.49
N ILE B 123 -5.32 14.32 8.46
CA ILE B 123 -3.85 14.47 8.29
C ILE B 123 -3.07 13.22 8.83
N GLN B 124 -2.06 12.77 8.13
CA GLN B 124 -1.21 11.73 8.64
C GLN B 124 0.08 12.39 9.15
N ILE B 125 0.51 12.01 10.34
CA ILE B 125 1.66 12.59 11.03
C ILE B 125 2.65 11.48 11.37
N ALA B 126 3.93 11.66 11.10
CA ALA B 126 4.86 10.57 11.31
C ALA B 126 6.26 11.06 11.56
N TYR B 127 7.13 10.16 12.04
CA TYR B 127 8.51 10.52 12.43
C TYR B 127 9.33 10.87 11.17
N PHE B 128 9.01 10.18 10.07
CA PHE B 128 9.55 10.46 8.75
C PHE B 128 8.51 9.96 7.75
N THR B 129 8.65 10.33 6.48
CA THR B 129 7.74 9.82 5.44
C THR B 129 7.71 8.31 5.41
N PRO B 130 6.53 7.73 5.63
CA PRO B 130 6.43 6.26 5.64
C PRO B 130 6.72 5.64 4.28
N TYR B 131 7.05 4.36 4.29
CA TYR B 131 7.28 3.57 3.10
C TYR B 131 6.64 2.21 3.34
N SER B 132 5.49 1.99 2.72
CA SER B 132 4.70 0.80 3.01
C SER B 132 5.22 -0.50 2.39
N TYR B 133 4.74 -1.62 2.90
CA TYR B 133 5.04 -2.92 2.29
C TYR B 133 4.36 -2.99 0.92
N GLU B 134 3.20 -2.32 0.76
CA GLU B 134 2.55 -2.27 -0.55
C GLU B 134 3.45 -1.53 -1.54
N ARG B 135 4.10 -0.48 -1.06
CA ARG B 135 5.00 0.30 -1.91
C ARG B 135 6.24 -0.52 -2.23
N HIS B 136 6.77 -1.16 -1.22
CA HIS B 136 7.89 -2.07 -1.42
C HIS B 136 7.56 -3.14 -2.47
N LEU B 137 6.36 -3.69 -2.43
CA LEU B 137 6.02 -4.76 -3.37
C LEU B 137 5.94 -4.23 -4.79
N ASP B 138 5.47 -2.99 -4.91
CA ASP B 138 5.39 -2.34 -6.22
C ASP B 138 6.78 -2.11 -6.76
N LEU B 139 7.71 -1.66 -5.90
CA LEU B 139 9.08 -1.39 -6.31
C LEU B 139 9.78 -2.66 -6.76
N ILE B 140 9.72 -3.73 -6.00
CA ILE B 140 10.49 -4.93 -6.38
C ILE B 140 9.82 -5.69 -7.50
N SER B 141 8.55 -5.42 -7.77
CA SER B 141 7.82 -6.02 -8.89
C SER B 141 8.11 -5.26 -10.17
N ALA B 142 8.05 -3.94 -10.08
CA ALA B 142 8.27 -3.08 -11.23
C ALA B 142 9.71 -3.24 -11.77
N VAL B 143 10.75 -3.20 -10.91
CA VAL B 143 12.12 -3.33 -11.46
C VAL B 143 12.30 -4.60 -12.34
N GLN B 144 11.45 -5.60 -12.15
CA GLN B 144 11.58 -6.84 -12.92
C GLN B 144 11.52 -6.61 -14.40
N LEU B 145 10.76 -5.63 -14.84
CA LEU B 145 10.56 -5.46 -16.27
C LEU B 145 11.89 -5.13 -16.99
N HIS B 146 12.83 -4.51 -16.29
CA HIS B 146 14.12 -4.17 -16.88
C HIS B 146 14.88 -5.42 -17.35
N PRO B 147 15.48 -5.36 -18.52
CA PRO B 147 16.19 -6.55 -19.00
C PRO B 147 17.39 -7.00 -18.16
N LEU B 148 18.04 -6.07 -17.48
CA LEU B 148 19.22 -6.41 -16.65
C LEU B 148 18.89 -6.73 -15.19
N VAL B 149 17.59 -6.81 -14.87
CA VAL B 149 17.14 -7.03 -13.51
C VAL B 149 16.50 -8.39 -13.29
N SER B 150 16.89 -9.01 -12.19
CA SER B 150 16.27 -10.22 -11.72
C SER B 150 16.17 -10.12 -10.22
N THR B 151 14.99 -10.43 -9.71
CA THR B 151 14.80 -10.44 -8.28
C THR B 151 14.95 -11.89 -7.85
N GLU B 152 15.30 -12.07 -6.60
CA GLU B 152 15.55 -13.40 -6.02
C GLU B 152 14.99 -13.47 -4.63
N HIS B 153 14.19 -14.50 -4.35
CA HIS B 153 13.66 -14.73 -3.01
C HIS B 153 14.76 -15.34 -2.14
N LEU B 154 15.24 -14.56 -1.18
CA LEU B 154 16.29 -14.99 -0.26
C LEU B 154 15.73 -15.90 0.83
N GLY B 155 14.49 -15.68 1.21
CA GLY B 155 13.88 -16.44 2.26
C GLY B 155 12.81 -15.64 2.93
N LEU B 156 12.29 -16.21 4.01
CA LEU B 156 11.21 -15.61 4.73
C LEU B 156 11.66 -14.85 5.96
N THR B 157 10.95 -13.77 6.29
CA THR B 157 11.16 -13.08 7.55
C THR B 157 10.46 -13.88 8.64
N LEU B 158 10.65 -13.49 9.89
CA LEU B 158 10.03 -14.26 10.96
C LEU B 158 8.49 -14.17 10.88
N ASP B 159 7.90 -13.08 10.37
CA ASP B 159 6.42 -13.04 10.24
C ASP B 159 5.94 -13.75 8.99
N GLY B 160 6.87 -14.18 8.15
CA GLY B 160 6.54 -14.90 6.95
C GLY B 160 6.47 -13.99 5.73
N ARG B 161 7.08 -12.81 5.81
CA ARG B 161 7.11 -11.89 4.67
C ARG B 161 8.36 -12.21 3.86
N ASP B 162 8.54 -11.53 2.73
CA ASP B 162 9.63 -11.90 1.83
C ASP B 162 10.86 -11.04 1.98
N MSE B 163 12.00 -11.72 2.09
CA MSE B 163 13.30 -11.08 1.93
C MSE B 163 13.59 -11.25 0.46
O MSE B 163 13.75 -12.40 0.00
CB MSE B 163 14.40 -11.79 2.75
CG MSE B 163 14.27 -11.58 4.25
SE MSE B 163 14.42 -9.71 4.71
CE MSE B 163 16.34 -9.40 4.37
N THR B 164 13.65 -10.12 -0.26
CA THR B 164 13.82 -10.08 -1.72
C THR B 164 15.09 -9.31 -2.16
N LEU B 165 15.89 -9.97 -2.99
CA LEU B 165 17.14 -9.44 -3.50
C LEU B 165 16.98 -8.97 -4.95
N VAL B 166 17.38 -7.73 -5.25
CA VAL B 166 17.29 -7.17 -6.58
C VAL B 166 18.68 -7.24 -7.16
N LYS B 167 18.83 -8.09 -8.17
CA LYS B 167 20.10 -8.25 -8.86
C LYS B 167 20.11 -7.47 -10.15
N VAL B 168 21.00 -6.48 -10.24
CA VAL B 168 21.08 -5.71 -11.45
C VAL B 168 22.39 -6.00 -12.17
N GLY B 169 22.31 -6.42 -13.43
CA GLY B 169 23.50 -6.71 -14.21
C GLY B 169 23.29 -7.97 -15.00
N ASP B 170 24.38 -8.50 -15.57
CA ASP B 170 24.33 -9.72 -16.36
C ASP B 170 25.05 -10.89 -15.72
N ASP B 171 25.25 -10.89 -14.41
CA ASP B 171 25.91 -12.02 -13.74
C ASP B 171 27.19 -12.51 -14.44
N ASP B 172 28.00 -11.59 -14.92
CA ASP B 172 29.26 -11.94 -15.51
C ASP B 172 30.25 -12.02 -14.36
N PRO B 173 30.85 -13.19 -14.14
CA PRO B 173 31.73 -13.41 -12.98
C PRO B 173 32.99 -12.53 -12.91
N SER B 174 33.43 -11.97 -14.03
CA SER B 174 34.57 -11.07 -14.06
C SER B 174 34.23 -9.68 -13.47
N LYS B 175 32.95 -9.34 -13.40
CA LYS B 175 32.53 -8.00 -12.89
C LYS B 175 32.62 -7.89 -11.40
N LYS B 176 32.65 -6.67 -10.91
CA LYS B 176 32.73 -6.46 -9.48
C LYS B 176 31.38 -6.67 -8.82
N SER B 177 31.38 -6.89 -7.50
CA SER B 177 30.15 -7.08 -6.72
C SER B 177 29.90 -5.93 -5.77
N ILE B 178 28.76 -5.29 -5.97
CA ILE B 178 28.34 -4.16 -5.14
C ILE B 178 27.07 -4.54 -4.40
N TRP B 179 27.15 -4.47 -3.08
CA TRP B 179 26.04 -4.76 -2.21
C TRP B 179 25.53 -3.50 -1.58
N ILE B 180 24.22 -3.32 -1.63
CA ILE B 180 23.56 -2.17 -1.08
C ILE B 180 22.38 -2.70 -0.27
N THR B 181 22.43 -2.46 1.04
CA THR B 181 21.39 -2.89 1.93
C THR B 181 20.81 -1.64 2.59
N ALA B 182 19.49 -1.59 2.69
CA ALA B 182 18.82 -0.48 3.35
C ALA B 182 17.75 -0.96 4.35
N ARG B 183 17.43 -0.09 5.32
CA ARG B 183 16.31 -0.28 6.25
C ARG B 183 16.45 -1.48 7.21
N GLN B 184 17.68 -1.86 7.58
CA GLN B 184 17.86 -2.84 8.67
C GLN B 184 17.02 -2.38 9.87
N HIS B 185 17.08 -1.07 10.16
CA HIS B 185 16.23 -0.43 11.17
C HIS B 185 15.00 0.13 10.49
N PRO B 186 13.84 -0.53 10.65
CA PRO B 186 12.63 -0.28 9.89
C PRO B 186 12.12 1.17 9.89
N GLY B 187 12.32 1.90 10.98
CA GLY B 187 11.87 3.28 11.09
C GLY B 187 12.68 4.27 10.25
N GLU B 188 13.81 3.81 9.76
CA GLU B 188 14.66 4.67 8.94
C GLU B 188 14.25 4.56 7.47
N THR B 189 12.99 4.90 7.19
CA THR B 189 12.36 4.82 5.87
C THR B 189 13.09 5.58 4.76
N MSE B 190 13.80 6.64 5.16
CA MSE B 190 14.63 7.36 4.20
C MSE B 190 15.60 6.42 3.49
O MSE B 190 16.09 6.73 2.40
CB MSE B 190 15.41 8.51 4.86
CG MSE B 190 16.44 8.08 5.90
SE MSE B 190 15.65 7.84 7.63
CE MSE B 190 15.74 9.78 8.20
N ALA B 191 15.92 5.29 4.12
CA ALA B 191 16.83 4.32 3.51
C ALA B 191 16.20 3.64 2.27
N GLU B 192 14.96 3.22 2.39
CA GLU B 192 14.30 2.62 1.24
C GLU B 192 14.02 3.69 0.18
N TRP B 193 13.64 4.88 0.60
CA TRP B 193 13.45 5.99 -0.34
C TRP B 193 14.68 6.24 -1.22
N LEU B 194 15.87 6.22 -0.63
CA LEU B 194 17.13 6.39 -1.36
C LEU B 194 17.33 5.23 -2.31
N VAL B 195 17.03 4.04 -1.85
CA VAL B 195 17.21 2.85 -2.70
C VAL B 195 16.27 2.90 -3.90
N GLU B 196 15.09 3.47 -3.75
CA GLU B 196 14.17 3.64 -4.89
C GLU B 196 14.74 4.64 -5.89
N GLY B 197 15.31 5.74 -5.37
CA GLY B 197 15.91 6.77 -6.21
C GLY B 197 17.08 6.20 -6.97
N LEU B 198 17.92 5.47 -6.26
CA LEU B 198 19.11 4.86 -6.83
C LEU B 198 18.75 3.83 -7.90
N LEU B 199 17.72 3.03 -7.65
CA LEU B 199 17.29 2.04 -8.64
C LEU B 199 16.73 2.76 -9.86
N ASN B 200 15.91 3.80 -9.65
CA ASN B 200 15.37 4.51 -10.80
C ASN B 200 16.49 5.06 -11.67
N GLN B 201 17.54 5.63 -11.07
CA GLN B 201 18.68 6.13 -11.86
C GLN B 201 19.53 5.00 -12.50
N LEU B 202 19.77 3.93 -11.76
CA LEU B 202 20.62 2.80 -12.24
C LEU B 202 19.96 2.10 -13.42
N LEU B 203 18.63 2.03 -13.37
CA LEU B 203 17.90 1.35 -14.40
C LEU B 203 17.61 2.27 -15.57
N ASP B 204 18.13 3.50 -15.56
CA ASP B 204 18.06 4.37 -16.76
C ASP B 204 19.36 4.30 -17.63
N ASN B 205 19.23 3.61 -18.74
CA ASN B 205 20.36 3.40 -19.65
C ASN B 205 20.91 4.70 -20.24
N ASP B 206 20.05 5.71 -20.37
CA ASP B 206 20.52 7.02 -20.84
C ASP B 206 21.51 7.67 -19.90
N CYS B 207 21.57 7.19 -18.67
CA CYS B 207 22.52 7.74 -17.72
C CYS B 207 23.88 7.07 -17.90
N PRO B 208 24.90 7.84 -18.22
CA PRO B 208 26.20 7.24 -18.43
C PRO B 208 26.82 6.59 -17.19
N THR B 209 26.62 7.20 -16.01
CA THR B 209 27.11 6.59 -14.78
C THR B 209 26.55 5.18 -14.62
N SER B 210 25.27 5.01 -14.92
CA SER B 210 24.61 3.73 -14.86
C SER B 210 25.23 2.74 -15.83
N LYS B 211 25.34 3.13 -17.09
CA LYS B 211 25.94 2.29 -18.14
C LYS B 211 27.35 1.89 -17.75
N ALA B 212 28.16 2.88 -17.38
CA ALA B 212 29.54 2.65 -16.96
C ALA B 212 29.56 1.68 -15.79
N LEU B 213 28.73 1.92 -14.79
CA LEU B 213 28.71 1.03 -13.61
C LEU B 213 28.39 -0.41 -13.99
N LEU B 214 27.35 -0.60 -14.81
CA LEU B 214 26.83 -1.91 -15.12
C LEU B 214 27.77 -2.63 -16.05
N ASP B 215 28.59 -1.87 -16.79
CA ASP B 215 29.61 -2.47 -17.60
C ASP B 215 30.69 -3.10 -16.72
N LYS B 216 30.81 -2.65 -15.48
CA LYS B 216 31.88 -3.09 -14.65
C LYS B 216 31.46 -3.85 -13.40
N ALA B 217 30.19 -3.82 -13.08
CA ALA B 217 29.73 -4.38 -11.82
C ALA B 217 28.39 -5.02 -11.92
N ASN B 218 28.17 -5.97 -11.02
CA ASN B 218 26.85 -6.49 -10.74
C ASN B 218 26.47 -5.92 -9.42
N PHE B 219 25.20 -5.51 -9.32
CA PHE B 219 24.61 -5.00 -8.09
C PHE B 219 23.69 -6.03 -7.40
N TYR B 220 23.82 -6.11 -6.07
CA TYR B 220 22.94 -6.92 -5.23
C TYR B 220 22.32 -5.96 -4.24
N ILE B 221 21.01 -5.71 -4.39
CA ILE B 221 20.36 -4.65 -3.62
C ILE B 221 19.19 -5.19 -2.81
N VAL B 222 19.17 -4.81 -1.53
CA VAL B 222 18.06 -5.20 -0.65
C VAL B 222 17.36 -3.91 -0.17
N PRO B 223 16.27 -3.53 -0.86
CA PRO B 223 15.58 -2.26 -0.54
C PRO B 223 14.98 -2.20 0.86
N ASN B 224 14.68 -3.37 1.43
CA ASN B 224 14.12 -3.43 2.78
C ASN B 224 14.63 -4.62 3.57
N MSE B 225 15.64 -4.40 4.39
CA MSE B 225 16.23 -5.48 5.18
C MSE B 225 15.26 -6.02 6.26
O MSE B 225 15.43 -7.15 6.71
CB MSE B 225 17.53 -5.00 5.83
CG MSE B 225 18.71 -4.96 4.91
SE MSE B 225 19.32 -6.76 4.41
CE MSE B 225 19.74 -7.55 6.11
N ASN B 226 14.23 -5.24 6.61
CA ASN B 226 13.35 -5.55 7.74
C ASN B 226 11.85 -5.25 7.52
N PRO B 227 11.23 -6.05 6.66
CA PRO B 227 9.80 -5.89 6.40
C PRO B 227 8.90 -6.02 7.62
N ASP B 228 9.22 -6.95 8.53
CA ASP B 228 8.43 -7.17 9.73
C ASP B 228 8.43 -5.92 10.63
N GLY B 229 9.60 -5.44 10.99
CA GLY B 229 9.66 -4.23 11.78
C GLY B 229 9.01 -3.04 11.06
N SER B 230 9.11 -3.05 9.73
CA SER B 230 8.48 -2.02 8.90
C SER B 230 6.98 -2.04 9.08
N VAL B 231 6.34 -3.16 8.78
CA VAL B 231 4.87 -3.22 8.86
C VAL B 231 4.43 -2.98 10.32
N ARG B 232 5.21 -3.51 11.28
CA ARG B 232 4.88 -3.38 12.71
C ARG B 232 5.10 -2.01 13.29
N GLY B 233 5.55 -1.06 12.49
CA GLY B 233 5.83 0.26 13.05
C GLY B 233 6.93 0.34 14.13
N HIS B 234 7.95 -0.55 14.05
CA HIS B 234 9.12 -0.51 14.95
C HIS B 234 10.12 0.53 14.49
N LEU B 235 10.94 0.99 15.42
CA LEU B 235 12.02 1.88 15.10
C LEU B 235 13.23 1.06 14.70
N ARG B 236 13.60 0.07 15.49
CA ARG B 236 14.97 -0.48 15.38
C ARG B 236 15.15 -2.01 15.27
N THR B 237 14.05 -2.75 15.34
CA THR B 237 14.12 -4.20 15.47
C THR B 237 13.13 -4.94 14.57
N ASN B 238 13.40 -6.23 14.36
CA ASN B 238 12.52 -7.07 13.60
C ASN B 238 11.36 -7.56 14.46
N ALA B 239 10.63 -8.58 14.01
CA ALA B 239 9.44 -9.09 14.72
C ALA B 239 9.70 -9.43 16.19
N VAL B 240 10.76 -10.20 16.45
CA VAL B 240 11.08 -10.61 17.81
C VAL B 240 12.00 -9.65 18.55
N GLY B 241 12.18 -8.44 18.06
CA GLY B 241 12.99 -7.47 18.78
C GLY B 241 14.49 -7.58 18.58
N ALA B 242 14.97 -8.30 17.57
CA ALA B 242 16.43 -8.32 17.32
C ALA B 242 16.85 -7.05 16.58
N ASN B 243 18.01 -6.51 16.95
CA ASN B 243 18.61 -5.42 16.19
C ASN B 243 19.48 -6.10 15.13
N LEU B 244 18.97 -6.11 13.92
CA LEU B 244 19.60 -6.75 12.76
C LEU B 244 21.06 -6.31 12.55
N ASN B 245 21.42 -5.10 12.98
CA ASN B 245 22.80 -4.61 12.80
C ASN B 245 23.77 -5.01 13.92
N ARG B 246 23.38 -6.01 14.70
CA ARG B 246 24.28 -6.70 15.63
C ARG B 246 24.25 -8.17 15.27
N GLU B 247 23.50 -8.53 14.25
CA GLU B 247 23.38 -9.93 13.90
C GLU B 247 24.38 -10.42 12.85
N TRP B 248 25.30 -9.57 12.38
CA TRP B 248 26.07 -9.92 11.16
C TRP B 248 27.14 -10.98 11.32
N GLN B 249 27.66 -11.13 12.53
CA GLN B 249 28.73 -12.09 12.79
C GLN B 249 28.19 -13.46 13.15
N THR B 250 27.11 -13.49 13.92
CA THR B 250 26.52 -14.75 14.27
C THR B 250 24.99 -14.64 14.14
N PRO B 251 24.48 -14.54 12.89
CA PRO B 251 23.06 -14.46 12.58
C PRO B 251 22.42 -15.81 12.67
N SER B 252 21.11 -15.84 12.87
CA SER B 252 20.41 -17.12 13.00
C SER B 252 19.07 -17.06 12.26
N LEU B 253 18.56 -18.23 11.88
CA LEU B 253 17.23 -18.35 11.28
C LEU B 253 16.14 -18.05 12.32
N GLU B 254 16.41 -18.46 13.57
CA GLU B 254 15.46 -18.27 14.66
C GLU B 254 15.26 -16.84 15.04
N ARG B 255 16.32 -16.04 14.97
CA ARG B 255 16.27 -14.67 15.52
C ARG B 255 16.51 -13.52 14.51
N SER B 256 17.30 -13.81 13.47
CA SER B 256 17.70 -12.83 12.50
C SER B 256 17.81 -13.41 11.10
N PRO B 257 16.75 -14.12 10.66
CA PRO B 257 16.80 -14.71 9.32
C PRO B 257 17.14 -13.67 8.24
N GLU B 258 16.64 -12.45 8.43
CA GLU B 258 16.88 -11.36 7.50
C GLU B 258 18.39 -11.20 7.16
N VAL B 259 19.23 -11.25 8.19
CA VAL B 259 20.66 -11.08 7.98
C VAL B 259 21.30 -12.40 7.58
N TYR B 260 20.84 -13.50 8.16
CA TYR B 260 21.30 -14.82 7.81
C TYR B 260 21.35 -15.04 6.28
N TYR B 261 20.24 -14.80 5.57
CA TYR B 261 20.27 -15.08 4.13
C TYR B 261 21.18 -14.09 3.39
N VAL B 262 21.26 -12.85 3.87
CA VAL B 262 22.10 -11.90 3.16
C VAL B 262 23.54 -12.34 3.27
N VAL B 263 23.95 -12.69 4.49
CA VAL B 263 25.32 -13.08 4.78
C VAL B 263 25.71 -14.28 3.93
N ASN B 264 24.82 -15.24 3.76
CA ASN B 264 25.16 -16.41 2.96
C ASN B 264 25.30 -16.04 1.50
N LYS B 265 24.44 -15.15 1.01
CA LYS B 265 24.49 -14.76 -0.40
C LYS B 265 25.81 -14.08 -0.68
N MSE B 266 26.16 -13.13 0.19
CA MSE B 266 27.45 -12.49 0.13
C MSE B 266 28.59 -13.49 -0.05
O MSE B 266 29.47 -13.28 -0.86
CB MSE B 266 27.67 -11.63 1.35
CG MSE B 266 26.78 -10.37 1.32
SE MSE B 266 27.13 -9.29 2.87
CE MSE B 266 26.22 -7.65 2.40
N HIS B 267 28.56 -14.59 0.71
CA HIS B 267 29.57 -15.62 0.55
C HIS B 267 29.53 -16.23 -0.86
N GLU B 268 28.38 -16.33 -1.51
CA GLU B 268 28.34 -16.75 -2.91
C GLU B 268 28.89 -15.67 -3.83
N THR B 269 28.50 -14.43 -3.63
CA THR B 269 28.83 -13.37 -4.61
C THR B 269 30.19 -12.73 -4.45
N GLY B 270 30.72 -12.70 -3.24
CA GLY B 270 31.83 -11.83 -2.92
C GLY B 270 31.22 -10.45 -2.72
N VAL B 271 31.98 -9.55 -2.09
CA VAL B 271 31.61 -8.14 -1.99
C VAL B 271 32.85 -7.27 -2.31
N ASP B 272 32.73 -6.34 -3.25
CA ASP B 272 33.81 -5.41 -3.57
C ASP B 272 33.54 -4.00 -3.09
N LEU B 273 32.26 -3.71 -2.83
CA LEU B 273 31.83 -2.45 -2.24
C LEU B 273 30.54 -2.71 -1.49
N PHE B 274 30.46 -2.12 -0.29
CA PHE B 274 29.28 -2.32 0.56
C PHE B 274 28.76 -0.98 1.00
N TYR B 275 27.45 -0.82 0.91
CA TYR B 275 26.80 0.42 1.28
C TYR B 275 25.51 0.09 2.04
N ASP B 276 25.58 0.28 3.36
CA ASP B 276 24.48 0.00 4.24
C ASP B 276 23.81 1.34 4.56
N VAL B 277 22.56 1.47 4.12
CA VAL B 277 21.86 2.77 4.17
C VAL B 277 21.00 2.90 5.43
N HIS B 278 21.24 3.97 6.20
CA HIS B 278 20.63 4.14 7.53
C HIS B 278 20.10 5.57 7.74
N GLY B 279 19.47 5.81 8.88
CA GLY B 279 19.00 7.15 9.23
C GLY B 279 19.42 7.42 10.67
N ASP B 280 19.88 8.63 10.96
CA ASP B 280 20.30 9.01 12.30
C ASP B 280 19.37 10.05 12.88
N GLU B 281 18.93 9.78 14.09
CA GLU B 281 17.93 10.57 14.76
C GLU B 281 18.42 11.94 15.21
N GLY B 282 19.56 11.98 15.89
CA GLY B 282 19.97 13.21 16.54
C GLY B 282 20.72 14.24 15.74
N LEU B 283 21.51 13.79 14.76
CA LEU B 283 22.40 14.67 13.98
C LEU B 283 21.75 15.18 12.70
N PRO B 284 21.69 16.50 12.50
CA PRO B 284 21.09 17.07 11.29
C PRO B 284 22.13 17.20 10.17
N TYR B 285 22.73 16.09 9.76
CA TYR B 285 23.73 16.10 8.71
C TYR B 285 23.71 14.78 7.98
N VAL B 286 24.24 14.74 6.76
CA VAL B 286 24.40 13.48 6.12
C VAL B 286 25.87 13.15 6.34
N PHE B 287 26.18 11.90 6.61
CA PHE B 287 27.58 11.55 6.83
C PHE B 287 27.83 10.06 6.58
N LEU B 288 29.08 9.71 6.32
CA LEU B 288 29.46 8.30 6.19
C LEU B 288 30.08 7.91 7.49
N ALA B 289 29.94 6.65 7.85
CA ALA B 289 30.68 6.08 8.97
C ALA B 289 31.31 4.83 8.37
N GLY B 290 32.64 4.82 8.37
CA GLY B 290 33.42 3.81 7.71
C GLY B 290 33.80 2.75 8.68
N CYS B 291 34.74 1.91 8.28
CA CYS B 291 35.12 0.74 9.05
C CYS B 291 36.58 0.73 9.45
N GLU B 292 37.13 1.91 9.72
CA GLU B 292 38.52 2.08 10.12
C GLU B 292 39.02 1.19 11.25
N GLY B 293 38.13 0.71 12.11
CA GLY B 293 38.57 -0.07 13.27
C GLY B 293 38.69 -1.56 13.08
N ILE B 294 38.43 -2.05 11.86
CA ILE B 294 38.50 -3.49 11.59
C ILE B 294 39.97 -4.01 11.63
N PRO B 295 40.16 -5.26 12.09
CA PRO B 295 41.51 -5.79 12.15
C PRO B 295 42.16 -5.85 10.80
N ASN B 296 41.38 -6.10 9.76
CA ASN B 296 41.91 -6.18 8.40
C ASN B 296 41.98 -4.84 7.67
N TYR B 297 41.91 -3.73 8.38
CA TYR B 297 41.99 -2.43 7.70
C TYR B 297 43.38 -2.32 7.12
N SER B 298 43.54 -1.52 6.07
CA SER B 298 44.79 -1.42 5.34
C SER B 298 44.94 -0.08 4.67
N ASP B 299 46.14 0.18 4.12
CA ASP B 299 46.40 1.43 3.44
C ASP B 299 45.51 1.51 2.22
N LYS B 300 45.35 0.37 1.54
CA LYS B 300 44.48 0.31 0.37
C LYS B 300 43.02 0.68 0.69
N LEU B 301 42.54 0.18 1.82
CA LEU B 301 41.18 0.42 2.23
C LEU B 301 41.08 1.87 2.65
N ALA B 302 42.08 2.36 3.37
CA ALA B 302 42.13 3.76 3.76
C ALA B 302 42.04 4.62 2.51
N SER B 303 42.84 4.27 1.51
CA SER B 303 42.88 5.01 0.27
C SER B 303 41.59 5.00 -0.56
N LEU B 304 40.93 3.84 -0.62
CA LEU B 304 39.62 3.75 -1.28
C LEU B 304 38.60 4.63 -0.56
N GLN B 305 38.72 4.72 0.76
CA GLN B 305 37.77 5.51 1.55
C GLN B 305 37.91 6.99 1.25
N GLN B 306 39.15 7.45 1.16
CA GLN B 306 39.44 8.84 0.85
C GLN B 306 38.91 9.20 -0.54
N ASP B 307 39.15 8.32 -1.50
CA ASP B 307 38.62 8.51 -2.84
C ASP B 307 37.09 8.54 -2.87
N PHE B 308 36.49 7.63 -2.13
CA PHE B 308 35.03 7.51 -2.10
C PHE B 308 34.47 8.77 -1.46
N VAL B 309 35.03 9.17 -0.33
CA VAL B 309 34.57 10.39 0.36
C VAL B 309 34.79 11.65 -0.48
N ALA B 310 35.90 11.67 -1.19
CA ALA B 310 36.19 12.79 -2.07
C ALA B 310 35.12 12.88 -3.14
N ALA B 311 34.80 11.73 -3.74
CA ALA B 311 33.83 11.69 -4.82
C ALA B 311 32.44 12.02 -4.34
N LEU B 312 32.09 11.51 -3.18
CA LEU B 312 30.76 11.74 -2.65
C LEU B 312 30.57 13.22 -2.33
N SER B 313 31.62 13.89 -1.82
CA SER B 313 31.49 15.30 -1.53
C SER B 313 31.24 16.12 -2.80
N LEU B 314 31.92 15.77 -3.88
CA LEU B 314 31.74 16.45 -5.16
C LEU B 314 30.36 16.14 -5.78
N ALA B 315 29.90 14.92 -5.60
CA ALA B 315 28.65 14.51 -6.14
C ALA B 315 27.43 15.14 -5.46
N SER B 316 27.51 15.42 -4.16
CA SER B 316 26.35 15.93 -3.40
C SER B 316 26.70 17.10 -2.51
N ALA B 317 25.91 18.15 -2.61
CA ALA B 317 26.06 19.28 -1.72
C ALA B 317 25.38 18.97 -0.38
N ASP B 318 24.64 17.88 -0.25
CA ASP B 318 24.08 17.54 1.07
C ASP B 318 25.10 16.78 1.92
N PHE B 319 26.15 16.26 1.30
CA PHE B 319 27.17 15.51 2.03
C PHE B 319 28.12 16.44 2.77
N GLN B 320 28.66 15.98 3.89
CA GLN B 320 29.64 16.74 4.64
C GLN B 320 30.50 15.73 5.42
N THR B 321 31.59 16.23 5.96
CA THR B 321 32.52 15.36 6.65
C THR B 321 32.96 15.91 8.00
N GLU B 322 32.36 16.98 8.51
CA GLU B 322 32.78 17.52 9.80
C GLU B 322 32.14 16.76 10.93
N PHE B 323 30.83 16.51 10.83
CA PHE B 323 30.07 15.81 11.87
C PHE B 323 29.75 14.38 11.49
N GLY B 324 29.60 13.55 12.49
CA GLY B 324 29.32 12.15 12.30
C GLY B 324 29.58 11.43 13.60
N TYR B 325 29.85 10.13 13.51
CA TYR B 325 30.16 9.33 14.67
C TYR B 325 31.65 9.36 14.92
N ASP B 326 32.07 8.88 16.08
CA ASP B 326 33.49 8.85 16.41
C ASP B 326 34.08 7.71 15.67
N LYS B 327 35.35 7.81 15.34
CA LYS B 327 36.00 6.71 14.65
C LYS B 327 36.44 5.67 15.67
N ASP B 328 36.63 4.45 15.21
CA ASP B 328 37.02 3.38 16.09
C ASP B 328 38.52 3.40 16.18
N GLU B 329 39.07 3.10 17.35
CA GLU B 329 40.51 2.91 17.46
C GLU B 329 40.87 1.69 16.62
N PRO B 330 42.13 1.60 16.20
CA PRO B 330 42.51 0.50 15.31
C PRO B 330 42.24 -0.84 15.93
N GLY B 331 41.66 -1.75 15.15
CA GLY B 331 41.30 -3.05 15.66
C GLY B 331 40.12 -3.04 16.61
N LYS B 332 39.61 -1.88 17.00
CA LYS B 332 38.54 -1.86 17.99
C LYS B 332 37.12 -1.91 17.40
N ALA B 333 36.95 -2.25 16.11
CA ALA B 333 35.60 -2.25 15.51
C ALA B 333 34.67 -3.31 16.09
N ASN B 334 33.40 -3.00 16.15
CA ASN B 334 32.41 -3.99 16.56
C ASN B 334 32.06 -4.77 15.31
N LEU B 335 32.58 -6.01 15.24
CA LEU B 335 32.46 -6.89 14.08
C LEU B 335 31.10 -7.59 13.96
N THR B 336 30.14 -7.18 14.78
CA THR B 336 28.75 -7.64 14.62
C THR B 336 27.93 -6.66 13.80
N VAL B 337 28.53 -5.54 13.46
CA VAL B 337 27.88 -4.48 12.67
C VAL B 337 28.16 -4.72 11.18
N ALA B 338 27.13 -4.58 10.35
CA ALA B 338 27.21 -4.97 8.93
C ALA B 338 28.45 -4.39 8.25
N CYS B 339 28.63 -3.09 8.44
CA CYS B 339 29.68 -2.35 7.80
C CYS B 339 31.05 -2.96 8.09
N ASN B 340 31.29 -3.20 9.37
CA ASN B 340 32.53 -3.79 9.87
C ASN B 340 32.65 -5.25 9.47
N TRP B 341 31.60 -6.01 9.73
CA TRP B 341 31.62 -7.43 9.43
C TRP B 341 31.93 -7.64 7.94
N VAL B 342 31.26 -6.89 7.06
CA VAL B 342 31.46 -7.07 5.62
C VAL B 342 32.88 -6.67 5.28
N ALA B 343 33.30 -5.49 5.76
CA ALA B 343 34.63 -4.96 5.44
C ALA B 343 35.73 -5.92 5.86
N ASN B 344 35.58 -6.47 7.05
CA ASN B 344 36.58 -7.33 7.59
C ASN B 344 36.61 -8.70 6.97
N THR B 345 35.43 -9.19 6.58
CA THR B 345 35.28 -10.52 6.00
C THR B 345 35.69 -10.53 4.54
N PHE B 346 35.39 -9.48 3.81
CA PHE B 346 35.61 -9.41 2.37
C PHE B 346 36.68 -8.39 2.01
N LYS B 347 37.28 -7.78 3.02
CA LYS B 347 38.39 -6.87 2.78
C LYS B 347 38.04 -5.88 1.66
N CYS B 348 36.94 -5.15 1.82
CA CYS B 348 36.51 -4.20 0.81
C CYS B 348 36.07 -2.83 1.35
N LEU B 349 36.07 -1.83 0.48
CA LEU B 349 35.47 -0.53 0.79
C LEU B 349 34.04 -0.78 1.28
N SER B 350 33.75 -0.24 2.44
CA SER B 350 32.51 -0.50 3.11
C SER B 350 32.15 0.73 3.93
N ASN B 351 30.90 1.15 3.85
CA ASN B 351 30.40 2.30 4.61
C ASN B 351 28.96 2.13 5.04
N THR B 352 28.65 2.75 6.18
CA THR B 352 27.28 2.96 6.59
C THR B 352 27.03 4.42 6.20
N LEU B 353 25.86 4.69 5.63
CA LEU B 353 25.47 6.05 5.31
C LEU B 353 24.36 6.45 6.25
N GLU B 354 24.44 7.64 6.82
CA GLU B 354 23.41 8.12 7.74
C GLU B 354 22.84 9.40 7.16
N MSE B 355 21.50 9.46 7.07
CA MSE B 355 20.81 10.66 6.58
C MSE B 355 20.00 11.03 7.78
O MSE B 355 19.66 10.15 8.56
CB MSE B 355 19.95 10.36 5.35
CG MSE B 355 20.72 10.17 4.06
SE MSE B 355 19.48 9.56 2.68
CE MSE B 355 19.24 7.76 3.25
N PRO B 356 19.72 12.34 7.96
CA PRO B 356 19.05 12.84 9.18
C PRO B 356 17.51 12.77 9.17
N PHE B 357 16.92 12.53 10.34
CA PHE B 357 15.44 12.59 10.49
C PHE B 357 15.02 14.05 10.53
N LYS B 358 15.97 14.95 10.82
CA LYS B 358 15.68 16.37 10.98
C LYS B 358 15.74 17.11 9.67
N ASP B 359 16.96 17.44 9.24
CA ASP B 359 17.23 18.18 8.03
C ASP B 359 18.75 18.20 7.95
N ASN B 360 19.27 18.59 6.79
CA ASN B 360 20.69 18.89 6.67
C ASN B 360 20.84 20.33 7.09
N ALA B 361 21.45 20.54 8.25
CA ALA B 361 21.66 21.90 8.80
C ALA B 361 22.42 22.83 7.88
N ASN B 362 23.22 22.28 6.97
CA ASN B 362 23.96 23.12 6.01
C ASN B 362 23.09 23.66 4.86
N LEU B 363 22.02 22.99 4.52
CA LEU B 363 21.15 23.42 3.42
C LEU B 363 19.74 23.18 3.90
N ALA B 364 19.35 23.98 4.88
CA ALA B 364 18.11 23.75 5.58
C ALA B 364 16.91 24.09 4.72
N ASP B 365 15.85 23.32 4.85
CA ASP B 365 14.60 23.51 4.12
C ASP B 365 13.47 23.44 5.11
N PRO B 366 13.02 24.60 5.59
CA PRO B 366 11.97 24.62 6.61
C PRO B 366 10.64 24.06 6.17
N PHE B 367 10.32 24.06 4.90
CA PHE B 367 9.03 23.51 4.55
C PHE B 367 9.03 22.00 4.75
N GLN B 368 10.12 21.31 4.41
CA GLN B 368 10.07 19.84 4.44
C GLN B 368 11.21 19.10 5.18
N GLY B 369 12.24 19.81 5.62
CA GLY B 369 13.41 19.20 6.25
C GLY B 369 14.02 18.13 5.36
N TRP B 370 14.54 17.05 5.95
CA TRP B 370 15.04 15.97 5.11
C TRP B 370 13.77 15.31 4.62
N SER B 371 13.81 14.81 3.38
CA SER B 371 12.60 14.36 2.69
C SER B 371 12.91 13.19 1.79
N PRO B 372 11.86 12.51 1.25
CA PRO B 372 12.08 11.38 0.29
C PRO B 372 12.76 11.89 -0.98
N GLU B 373 12.36 13.09 -1.41
CA GLU B 373 12.97 13.74 -2.57
C GLU B 373 14.50 13.91 -2.46
N ARG B 374 14.97 14.32 -1.28
CA ARG B 374 16.43 14.51 -1.04
C ARG B 374 17.18 13.18 -0.84
N SER B 375 16.47 12.21 -0.28
CA SER B 375 16.99 10.89 -0.12
C SER B 375 17.20 10.27 -1.50
N VAL B 376 16.23 10.52 -2.40
CA VAL B 376 16.31 10.05 -3.80
C VAL B 376 17.52 10.70 -4.50
N TYR B 377 17.69 12.02 -4.31
CA TYR B 377 18.86 12.68 -4.89
C TYR B 377 20.17 12.12 -4.34
N PHE B 378 20.16 11.66 -3.07
CA PHE B 378 21.39 11.14 -2.49
C PHE B 378 21.68 9.73 -3.03
N GLY B 379 20.64 9.06 -3.47
CA GLY B 379 20.80 7.78 -4.13
C GLY B 379 21.52 7.97 -5.45
N GLU B 380 21.15 9.02 -6.17
CA GLU B 380 21.83 9.32 -7.42
C GLU B 380 23.29 9.72 -7.20
N ALA B 381 23.52 10.60 -6.24
CA ALA B 381 24.88 11.04 -5.89
C ALA B 381 25.73 9.82 -5.49
N SER B 382 25.10 8.87 -4.80
CA SER B 382 25.82 7.67 -4.37
C SER B 382 26.41 6.88 -5.58
N LEU B 383 25.66 6.72 -6.66
CA LEU B 383 26.14 5.95 -7.82
C LEU B 383 27.39 6.60 -8.42
N ILE B 384 27.40 7.93 -8.44
CA ILE B 384 28.61 8.68 -8.87
C ILE B 384 29.81 8.41 -7.97
N ALA B 385 29.62 8.42 -6.64
CA ALA B 385 30.74 8.11 -5.74
C ALA B 385 31.23 6.71 -6.08
N MSE B 386 30.31 5.78 -6.27
CA MSE B 386 30.68 4.42 -6.59
C MSE B 386 31.49 4.33 -7.90
O MSE B 386 32.57 3.71 -7.97
CB MSE B 386 29.45 3.54 -6.66
CG MSE B 386 28.86 3.31 -5.30
SE MSE B 386 27.16 2.41 -5.39
CE MSE B 386 26.60 2.70 -3.52
N ARG B 387 31.00 4.98 -8.92
CA ARG B 387 31.70 4.95 -10.19
C ARG B 387 33.10 5.50 -10.02
N ALA B 388 33.26 6.47 -9.13
CA ALA B 388 34.56 7.07 -8.92
C ALA B 388 35.56 6.02 -8.50
N VAL B 389 35.14 4.96 -7.82
CA VAL B 389 36.12 4.02 -7.35
C VAL B 389 36.02 2.66 -8.00
N ILE B 390 35.19 2.55 -9.01
CA ILE B 390 34.87 1.29 -9.66
C ILE B 390 36.07 0.54 -10.18
N ASP B 391 37.04 1.28 -10.69
CA ASP B 391 38.18 0.65 -11.29
C ASP B 391 39.20 0.33 -10.24
N LYS B 392 39.07 0.96 -9.08
CA LYS B 392 40.03 0.76 -7.98
C LYS B 392 39.64 -0.38 -7.04
N ILE B 393 38.34 -0.58 -6.80
CA ILE B 393 37.89 -1.65 -5.90
C ILE B 393 38.07 -3.03 -6.52
N GLY B 394 38.07 -4.03 -5.67
CA GLY B 394 38.21 -5.40 -6.11
C GLY B 394 39.65 -5.75 -6.42
N GLN B 395 39.83 -6.95 -6.94
CA GLN B 395 41.14 -7.46 -7.35
C GLN B 395 41.27 -7.44 -8.87
CA CA C . -21.56 -8.00 -4.22
O1 UNL D . -23.93 -9.19 -5.09
O2 UNL D . -26.50 -10.10 -3.23
O3 UNL D . -25.96 -9.54 -1.93
O4 UNL D . -26.18 -8.59 -4.45
C ACT E . -36.25 10.50 -5.41
O ACT E . -37.29 10.96 -4.83
OXT ACT E . -35.20 11.08 -5.08
CH3 ACT E . -36.21 9.40 -6.44
C ACT F . -24.88 -13.71 6.97
O ACT F . -24.19 -12.65 6.98
OXT ACT F . -24.33 -14.66 7.61
CH3 ACT F . -26.25 -13.77 6.27
CA CA G . 20.14 2.54 11.44
O1 UNL H . 22.11 3.68 12.67
O2 UNL H . 23.87 1.48 15.64
O3 UNL H . 23.80 0.38 14.25
O4 UNL H . 24.04 2.72 13.57
C1 GOL I . 8.65 11.75 -3.80
O1 GOL I . 9.94 11.09 -3.77
C2 GOL I . 7.58 10.96 -3.03
O2 GOL I . 6.49 10.68 -3.88
C3 GOL I . 7.04 11.75 -1.87
O3 GOL I . 5.98 11.01 -1.29
#